data_6KMF
#
_entry.id   6KMF
#
_entity_poly.entity_id   1
_entity_poly.type   'polypeptide(L)'
_entity_poly.pdbx_seq_one_letter_code
;AFGVGDDESKVAKLTVMVYNGEQQEAIKSAENATKVEDIKCSAGQRTLVVMANTGAMELVGKTLAEVKALTTELTAENQE
AAGLIMTAEPKTIVLKAGKNYIGYSGTGEGNHIENDPLKIKRVHARMAFTEIKVQMSAAYDNIYTFVPEKIYGLIAKKQS
NLFGATLVNADANYLTGSLTTFNGAYTPANYANVPWLSRNYVAPAADAPQGFYVLENDYSANGGTIHPTILCVYGKLQKN
GADLAGADLAAAQAANWVDAEGKTYYPVLVNFNSNNYTYDSNYTPKNKIERNHKYDIKLTITGPGTNNPENPITESAHLN
VQCTVAEWVLVGQNATW
;
_entity_poly.pdbx_strand_id   A,B,C,D
#
# COMPACT_ATOMS: atom_id res chain seq x y z
N ALA A 1 21.26 41.22 -54.70
CA ALA A 1 21.39 39.78 -54.57
C ALA A 1 20.24 39.07 -55.28
N PHE A 2 20.12 39.28 -56.59
CA PHE A 2 19.13 38.57 -57.39
C PHE A 2 19.83 37.41 -58.10
N GLY A 3 19.96 36.32 -57.37
CA GLY A 3 20.37 35.06 -57.95
C GLY A 3 21.84 34.82 -57.77
N VAL A 4 22.22 34.08 -56.74
CA VAL A 4 23.62 33.73 -56.53
C VAL A 4 23.68 32.22 -56.38
N GLY A 5 22.59 31.63 -55.88
CA GLY A 5 22.55 30.26 -55.46
C GLY A 5 22.83 30.10 -53.97
N ASP A 6 23.63 31.00 -53.41
CA ASP A 6 23.79 31.06 -51.96
C ASP A 6 22.55 31.67 -51.31
N ASP A 7 22.20 32.89 -51.69
CA ASP A 7 21.03 33.55 -51.13
C ASP A 7 19.75 32.98 -51.71
N GLU A 8 19.81 32.37 -52.88
CA GLU A 8 18.63 31.81 -53.53
C GLU A 8 18.13 30.58 -52.79
N SER A 9 19.01 29.84 -52.13
CA SER A 9 18.63 28.67 -51.34
C SER A 9 19.35 28.74 -50.00
N LYS A 10 18.72 29.37 -49.02
CA LYS A 10 19.26 29.41 -47.67
C LYS A 10 18.10 29.58 -46.70
N VAL A 11 18.01 28.67 -45.72
CA VAL A 11 16.89 28.64 -44.78
C VAL A 11 17.23 29.58 -43.64
N ALA A 12 16.63 30.78 -43.63
CA ALA A 12 16.87 31.73 -42.57
C ALA A 12 16.07 31.46 -41.32
N LYS A 13 15.04 30.62 -41.40
CA LYS A 13 14.26 30.21 -40.24
C LYS A 13 13.51 28.93 -40.59
N LEU A 14 13.57 27.95 -39.70
CA LEU A 14 12.77 26.76 -39.80
C LEU A 14 11.68 26.80 -38.74
N THR A 15 10.57 26.13 -38.98
CA THR A 15 9.49 26.07 -37.99
C THR A 15 8.76 24.74 -38.16
N VAL A 16 8.76 23.92 -37.11
CA VAL A 16 8.21 22.57 -37.18
C VAL A 16 7.10 22.46 -36.17
N MET A 17 5.94 21.96 -36.61
CA MET A 17 4.80 21.77 -35.73
C MET A 17 4.09 20.47 -36.09
N VAL A 18 3.37 19.94 -35.10
CA VAL A 18 2.81 18.60 -35.21
C VAL A 18 1.50 18.54 -34.42
N TYR A 19 0.47 17.97 -35.04
CA TYR A 19 -0.91 17.95 -34.57
C TYR A 19 -1.34 16.54 -34.26
N ASN A 20 -2.46 16.42 -33.54
CA ASN A 20 -3.11 15.15 -33.28
C ASN A 20 -4.58 15.18 -33.73
N GLY A 21 -4.86 15.94 -34.78
CA GLY A 21 -6.23 16.07 -35.22
C GLY A 21 -6.85 17.31 -34.62
N GLU A 22 -6.99 18.35 -35.47
CA GLU A 22 -7.75 19.57 -35.22
C GLU A 22 -7.24 20.44 -34.06
N GLN A 23 -6.15 20.08 -33.41
CA GLN A 23 -5.58 20.88 -32.34
C GLN A 23 -4.07 20.85 -32.45
N GLN A 24 -3.41 21.79 -31.79
CA GLN A 24 -1.95 21.85 -31.79
C GLN A 24 -1.39 21.02 -30.64
N GLU A 25 -0.46 20.13 -30.96
CA GLU A 25 0.27 19.39 -29.93
C GLU A 25 1.65 19.98 -29.67
N ALA A 26 2.45 20.20 -30.70
CA ALA A 26 3.78 20.75 -30.43
C ALA A 26 4.24 21.66 -31.56
N ILE A 27 5.14 22.56 -31.20
CA ILE A 27 5.65 23.63 -32.07
C ILE A 27 7.01 24.10 -31.56
N LYS A 28 8.00 24.16 -32.45
CA LYS A 28 9.28 24.77 -32.09
C LYS A 28 9.98 25.23 -33.36
N SER A 29 10.81 26.26 -33.23
CA SER A 29 11.50 26.88 -34.35
C SER A 29 12.97 27.07 -34.02
N ALA A 30 13.85 26.61 -34.90
CA ALA A 30 15.25 26.97 -34.83
C ALA A 30 15.45 28.25 -35.63
N GLU A 31 16.70 28.66 -35.82
CA GLU A 31 16.98 29.88 -36.56
C GLU A 31 18.37 29.81 -37.14
N ASN A 32 18.50 30.24 -38.41
CA ASN A 32 19.75 30.27 -39.17
C ASN A 32 20.41 28.90 -39.25
N ALA A 33 19.60 27.85 -39.32
CA ALA A 33 20.10 26.49 -39.36
C ALA A 33 19.07 25.62 -40.06
N THR A 34 19.25 24.31 -39.99
CA THR A 34 18.31 23.38 -40.59
C THR A 34 17.99 22.24 -39.62
N LYS A 35 18.17 22.47 -38.32
CA LYS A 35 18.05 21.41 -37.32
C LYS A 35 17.28 21.93 -36.11
N VAL A 36 16.11 21.36 -35.85
CA VAL A 36 15.41 21.52 -34.58
C VAL A 36 15.51 20.18 -33.87
N GLU A 37 16.11 20.17 -32.67
CA GLU A 37 16.62 18.95 -32.09
C GLU A 37 15.83 18.42 -30.90
N ASP A 38 14.87 19.18 -30.36
CA ASP A 38 14.27 18.87 -29.06
C ASP A 38 12.75 19.03 -29.09
N ILE A 39 12.09 18.44 -30.08
CA ILE A 39 10.64 18.47 -30.15
C ILE A 39 10.10 17.51 -29.09
N LYS A 40 9.29 18.03 -28.17
CA LYS A 40 8.63 17.22 -27.15
C LYS A 40 7.13 17.21 -27.39
N CYS A 41 6.53 16.03 -27.30
CA CYS A 41 5.11 15.85 -27.57
C CYS A 41 4.66 14.57 -26.89
N SER A 42 3.47 14.10 -27.28
CA SER A 42 2.96 12.81 -26.85
C SER A 42 3.24 11.77 -27.92
N ALA A 43 2.66 10.60 -27.77
CA ALA A 43 2.78 9.52 -28.75
C ALA A 43 1.40 9.16 -29.29
N GLY A 44 1.40 8.46 -30.41
CA GLY A 44 0.16 8.06 -31.06
C GLY A 44 0.13 8.36 -32.55
N GLN A 45 -1.02 8.82 -33.04
CA GLN A 45 -1.19 9.20 -34.44
C GLN A 45 -1.14 10.71 -34.55
N ARG A 46 -0.17 11.21 -35.30
CA ARG A 46 0.08 12.64 -35.42
C ARG A 46 0.17 13.02 -36.89
N THR A 47 0.15 14.32 -37.16
CA THR A 47 0.37 14.85 -38.49
C THR A 47 1.42 15.95 -38.41
N LEU A 48 2.41 15.88 -39.29
CA LEU A 48 3.59 16.75 -39.21
C LEU A 48 3.54 17.79 -40.31
N VAL A 49 3.84 19.04 -39.96
CA VAL A 49 3.99 20.11 -40.93
C VAL A 49 5.23 20.92 -40.60
N VAL A 50 5.88 21.43 -41.65
CA VAL A 50 7.14 22.14 -41.52
C VAL A 50 7.16 23.29 -42.53
N MET A 51 7.53 24.47 -42.05
CA MET A 51 7.55 25.66 -42.89
C MET A 51 8.91 26.35 -42.75
N ALA A 52 9.21 27.23 -43.69
CA ALA A 52 10.46 27.95 -43.68
C ALA A 52 10.25 29.39 -44.15
N ASN A 53 10.91 30.32 -43.44
CA ASN A 53 10.92 31.75 -43.75
C ASN A 53 9.53 32.37 -43.74
N THR A 54 8.72 31.99 -42.75
CA THR A 54 7.41 32.60 -42.63
C THR A 54 7.49 34.02 -42.09
N GLY A 55 8.56 34.38 -41.41
CA GLY A 55 8.66 35.71 -40.84
C GLY A 55 7.74 35.87 -39.66
N ALA A 56 7.35 37.12 -39.41
CA ALA A 56 6.43 37.44 -38.32
C ALA A 56 5.02 37.05 -38.74
N MET A 57 4.72 35.77 -38.62
CA MET A 57 3.39 35.23 -38.91
C MET A 57 2.91 34.44 -37.72
N GLU A 58 1.64 34.64 -37.36
CA GLU A 58 1.07 34.03 -36.16
C GLU A 58 0.78 32.56 -36.43
N LEU A 59 1.54 31.68 -35.78
CA LEU A 59 1.38 30.24 -35.96
C LEU A 59 1.03 29.49 -34.69
N VAL A 60 0.97 30.15 -33.54
CA VAL A 60 0.62 29.47 -32.31
C VAL A 60 -0.89 29.30 -32.23
N GLY A 61 -1.32 28.19 -31.65
CA GLY A 61 -2.71 27.96 -31.32
C GLY A 61 -3.65 27.55 -32.44
N LYS A 62 -3.36 27.93 -33.68
CA LYS A 62 -4.33 27.78 -34.76
C LYS A 62 -4.46 26.32 -35.18
N THR A 63 -5.69 25.93 -35.52
CA THR A 63 -6.01 24.55 -35.83
C THR A 63 -5.54 24.18 -37.24
N LEU A 64 -5.71 22.91 -37.58
CA LEU A 64 -5.22 22.38 -38.85
C LEU A 64 -6.02 22.91 -40.03
N ALA A 65 -7.33 23.06 -39.87
CA ALA A 65 -8.16 23.55 -40.96
C ALA A 65 -7.93 25.01 -41.26
N GLU A 66 -7.40 25.77 -40.30
CA GLU A 66 -7.04 27.16 -40.56
C GLU A 66 -5.61 27.30 -41.06
N VAL A 67 -4.71 26.39 -40.66
CA VAL A 67 -3.35 26.40 -41.19
C VAL A 67 -3.35 25.98 -42.66
N LYS A 68 -4.22 25.03 -43.02
CA LYS A 68 -4.30 24.59 -44.41
C LYS A 68 -5.05 25.55 -45.32
N ALA A 69 -5.26 26.81 -44.91
CA ALA A 69 -5.84 27.83 -45.78
C ALA A 69 -5.12 29.16 -45.62
N LEU A 70 -3.82 29.14 -45.35
CA LEU A 70 -3.06 30.36 -45.21
C LEU A 70 -2.73 30.95 -46.58
N THR A 71 -2.52 32.26 -46.61
CA THR A 71 -2.20 32.98 -47.84
C THR A 71 -0.85 33.68 -47.69
N THR A 72 -0.47 34.39 -48.74
CA THR A 72 0.76 35.17 -48.77
C THR A 72 0.65 36.20 -49.90
N GLU A 73 1.63 37.08 -49.96
CA GLU A 73 1.75 38.03 -51.06
C GLU A 73 3.22 38.19 -51.41
N LEU A 74 3.48 38.70 -52.60
CA LEU A 74 4.84 39.08 -52.96
C LEU A 74 5.15 40.44 -52.37
N THR A 75 6.38 40.63 -51.94
CA THR A 75 6.84 41.86 -51.32
C THR A 75 8.01 42.44 -52.10
N ALA A 76 8.37 43.67 -51.77
CA ALA A 76 9.57 44.28 -52.31
C ALA A 76 10.83 43.60 -51.80
N GLU A 77 10.76 42.94 -50.65
CA GLU A 77 11.89 42.15 -50.17
C GLU A 77 12.12 40.91 -51.00
N ASN A 78 11.10 40.43 -51.71
CA ASN A 78 11.18 39.17 -52.42
C ASN A 78 12.00 39.25 -53.71
N GLN A 79 12.40 40.43 -54.16
CA GLN A 79 13.12 40.58 -55.41
C GLN A 79 14.62 40.74 -55.21
N GLU A 80 15.13 40.44 -54.01
CA GLU A 80 16.56 40.33 -53.78
C GLU A 80 16.87 39.07 -52.97
N ALA A 81 15.99 38.06 -53.09
CA ALA A 81 16.13 36.73 -52.50
C ALA A 81 16.23 36.78 -50.97
N ALA A 82 15.17 37.28 -50.36
CA ALA A 82 15.07 37.33 -48.90
C ALA A 82 13.60 37.34 -48.54
N GLY A 83 13.13 36.25 -47.94
CA GLY A 83 11.73 36.15 -47.58
C GLY A 83 10.98 35.19 -48.48
N LEU A 84 11.65 34.10 -48.85
CA LEU A 84 11.09 33.10 -49.74
C LEU A 84 10.49 31.99 -48.90
N ILE A 85 9.15 31.92 -48.88
CA ILE A 85 8.48 30.90 -48.09
C ILE A 85 8.70 29.53 -48.72
N MET A 86 8.75 28.51 -47.88
CA MET A 86 9.17 27.18 -48.30
C MET A 86 8.43 26.19 -47.41
N THR A 87 7.71 25.25 -48.01
CA THR A 87 6.87 24.36 -47.22
C THR A 87 6.80 22.99 -47.89
N ALA A 88 6.04 22.10 -47.25
CA ALA A 88 5.82 20.75 -47.76
C ALA A 88 4.48 20.25 -47.26
N GLU A 89 3.97 19.22 -47.92
CA GLU A 89 2.66 18.69 -47.59
C GLU A 89 2.70 17.89 -46.29
N PRO A 90 1.59 17.80 -45.56
CA PRO A 90 1.56 16.98 -44.34
C PRO A 90 1.67 15.50 -44.68
N LYS A 91 2.27 14.73 -43.76
CA LYS A 91 2.61 13.37 -44.12
C LYS A 91 2.37 12.35 -43.00
N THR A 92 1.45 12.67 -42.07
CA THR A 92 0.82 11.82 -41.04
C THR A 92 1.67 10.70 -40.42
N ILE A 93 2.77 11.07 -39.76
CA ILE A 93 3.65 10.08 -39.17
C ILE A 93 3.02 9.48 -37.91
N VAL A 94 3.57 8.34 -37.49
CA VAL A 94 3.19 7.69 -36.24
C VAL A 94 4.43 7.59 -35.36
N LEU A 95 4.29 7.96 -34.09
CA LEU A 95 5.43 8.09 -33.20
C LEU A 95 5.54 6.90 -32.26
N LYS A 96 6.72 6.76 -31.66
CA LYS A 96 7.01 5.72 -30.71
C LYS A 96 7.55 6.37 -29.45
N ALA A 97 7.37 5.69 -28.31
CA ALA A 97 7.62 6.33 -27.01
C ALA A 97 9.09 6.58 -26.74
N GLY A 98 9.98 5.79 -27.34
CA GLY A 98 11.39 5.92 -27.02
C GLY A 98 12.06 7.17 -27.55
N LYS A 99 12.29 7.22 -28.86
CA LYS A 99 12.96 8.33 -29.53
C LYS A 99 12.77 8.16 -31.02
N ASN A 100 12.42 9.25 -31.70
CA ASN A 100 12.21 9.20 -33.14
C ASN A 100 12.92 10.38 -33.79
N TYR A 101 13.58 10.13 -34.92
CA TYR A 101 14.18 11.20 -35.71
C TYR A 101 13.84 11.00 -37.18
N ILE A 102 13.75 12.13 -37.90
CA ILE A 102 13.58 12.12 -39.34
C ILE A 102 14.77 12.85 -39.96
N GLY A 103 15.39 12.21 -40.95
CA GLY A 103 16.65 12.69 -41.48
C GLY A 103 17.84 11.98 -40.84
N TYR A 104 18.97 12.02 -41.56
CA TYR A 104 20.26 11.36 -41.27
C TYR A 104 20.11 9.94 -40.75
N SER A 105 19.30 9.12 -41.45
CA SER A 105 18.84 7.85 -40.93
C SER A 105 19.97 6.84 -40.80
N GLY A 106 19.76 5.88 -39.91
CA GLY A 106 20.71 4.79 -39.74
C GLY A 106 21.96 5.20 -39.00
N THR A 107 21.86 6.10 -38.06
CA THR A 107 23.09 6.52 -37.38
C THR A 107 23.03 6.35 -35.88
N GLY A 108 21.90 6.69 -35.25
CA GLY A 108 21.75 6.59 -33.82
C GLY A 108 20.81 5.47 -33.41
N GLU A 109 20.42 5.50 -32.14
CA GLU A 109 19.58 4.47 -31.57
C GLU A 109 18.11 4.73 -31.92
N GLY A 110 17.20 4.03 -31.26
CA GLY A 110 15.79 4.24 -31.52
C GLY A 110 15.38 3.60 -32.83
N ASN A 111 14.30 4.14 -33.40
CA ASN A 111 13.81 3.70 -34.69
C ASN A 111 13.76 4.87 -35.66
N HIS A 112 13.66 4.54 -36.94
CA HIS A 112 13.62 5.52 -38.02
C HIS A 112 12.19 5.78 -38.44
N ILE A 113 11.85 7.05 -38.66
CA ILE A 113 10.58 7.39 -39.27
C ILE A 113 10.67 7.10 -40.75
N GLU A 114 11.55 7.82 -41.45
CA GLU A 114 11.83 7.56 -42.85
C GLU A 114 13.28 7.88 -43.15
N ASN A 115 13.78 7.31 -44.24
CA ASN A 115 15.22 7.22 -44.46
C ASN A 115 15.79 8.53 -45.03
N ASP A 116 15.17 9.08 -46.06
CA ASP A 116 15.72 10.24 -46.74
C ASP A 116 15.54 11.50 -45.90
N PRO A 117 16.39 12.50 -46.12
CA PRO A 117 16.10 13.82 -45.56
C PRO A 117 14.87 14.42 -46.22
N LEU A 118 14.18 15.26 -45.47
CA LEU A 118 12.90 15.79 -45.90
C LEU A 118 13.10 16.90 -46.94
N LYS A 119 12.25 16.92 -47.95
CA LYS A 119 12.39 17.88 -49.04
C LYS A 119 11.38 19.01 -48.88
N ILE A 120 11.84 20.23 -49.10
CA ILE A 120 11.03 21.43 -49.00
C ILE A 120 11.09 22.14 -50.35
N LYS A 121 9.92 22.47 -50.90
CA LYS A 121 9.84 23.22 -52.14
C LYS A 121 9.63 24.69 -51.85
N ARG A 122 10.23 25.54 -52.67
CA ARG A 122 9.92 26.96 -52.64
C ARG A 122 8.51 27.18 -53.18
N VAL A 123 7.94 28.35 -52.88
CA VAL A 123 6.59 28.62 -53.33
C VAL A 123 6.63 29.56 -54.53
N HIS A 124 7.69 30.37 -54.63
CA HIS A 124 7.79 31.38 -55.68
C HIS A 124 8.25 30.74 -56.98
N ALA A 125 8.60 31.60 -57.95
CA ALA A 125 9.22 31.18 -59.20
C ALA A 125 10.00 32.37 -59.74
N ARG A 126 10.82 32.12 -60.76
CA ARG A 126 11.65 33.17 -61.36
C ARG A 126 11.38 33.30 -62.85
N MET A 127 11.36 34.54 -63.33
CA MET A 127 11.37 34.82 -64.76
C MET A 127 12.45 35.88 -65.01
N ALA A 128 13.37 35.60 -65.92
CA ALA A 128 14.48 36.52 -66.11
C ALA A 128 15.03 36.43 -67.52
N PHE A 129 15.53 37.56 -68.01
CA PHE A 129 16.21 37.63 -69.29
C PHE A 129 17.65 37.14 -69.17
N THR A 130 18.20 36.70 -70.30
CA THR A 130 19.61 36.33 -70.36
C THR A 130 20.36 36.82 -71.59
N GLU A 131 19.68 37.15 -72.69
CA GLU A 131 20.39 37.55 -73.92
C GLU A 131 19.42 38.34 -74.79
N ILE A 132 19.69 39.64 -74.96
CA ILE A 132 18.78 40.55 -75.66
C ILE A 132 19.50 41.06 -76.90
N LYS A 133 20.23 40.17 -77.59
CA LYS A 133 20.90 40.56 -78.83
C LYS A 133 19.88 40.96 -79.90
N VAL A 134 20.30 41.89 -80.77
CA VAL A 134 19.41 42.52 -81.74
C VAL A 134 20.02 42.38 -83.11
N GLN A 135 19.29 41.73 -84.03
CA GLN A 135 19.68 41.65 -85.43
C GLN A 135 18.43 41.91 -86.26
N MET A 136 18.37 43.08 -86.88
CA MET A 136 17.17 43.49 -87.61
C MET A 136 17.00 42.68 -88.89
N SER A 137 15.80 42.74 -89.45
CA SER A 137 15.47 41.99 -90.65
C SER A 137 16.02 42.71 -91.89
N ALA A 138 15.68 42.18 -93.07
CA ALA A 138 16.16 42.78 -94.30
C ALA A 138 15.42 44.07 -94.63
N ALA A 139 14.17 44.19 -94.19
CA ALA A 139 13.36 45.35 -94.49
C ALA A 139 13.60 46.50 -93.53
N TYR A 140 14.55 46.37 -92.61
CA TYR A 140 14.91 47.48 -91.73
C TYR A 140 16.41 47.61 -91.55
N ASP A 141 17.21 47.08 -92.48
CA ASP A 141 18.66 47.19 -92.39
C ASP A 141 19.08 48.64 -92.56
N ASN A 142 19.85 49.14 -91.58
CA ASN A 142 20.42 50.49 -91.56
C ASN A 142 19.35 51.58 -91.64
N ILE A 143 18.14 51.29 -91.15
CA ILE A 143 17.09 52.30 -91.08
C ILE A 143 16.68 52.52 -89.63
N TYR A 144 16.17 51.49 -88.98
CA TYR A 144 15.75 51.56 -87.59
C TYR A 144 16.77 50.87 -86.68
N THR A 145 16.96 51.41 -85.48
CA THR A 145 17.94 50.88 -84.55
C THR A 145 17.42 51.02 -83.13
N PHE A 146 17.49 49.93 -82.36
CA PHE A 146 16.88 49.84 -81.05
C PHE A 146 17.91 49.90 -79.93
N VAL A 147 17.55 50.54 -78.83
CA VAL A 147 18.36 50.58 -77.61
C VAL A 147 17.40 50.47 -76.42
N PRO A 148 17.72 49.69 -75.39
CA PRO A 148 16.75 49.45 -74.32
C PRO A 148 16.85 50.44 -73.16
N GLU A 149 15.71 50.60 -72.47
CA GLU A 149 15.65 51.43 -71.27
C GLU A 149 15.22 50.66 -70.03
N LYS A 150 14.07 49.98 -70.05
CA LYS A 150 13.50 49.40 -68.84
C LYS A 150 13.06 47.96 -69.09
N ILE A 151 12.75 47.26 -67.98
CA ILE A 151 12.79 45.80 -67.95
C ILE A 151 11.57 45.18 -67.26
N TYR A 152 10.53 45.97 -66.99
CA TYR A 152 9.49 45.57 -66.04
C TYR A 152 8.60 44.42 -66.54
N GLY A 153 7.90 43.80 -65.58
CA GLY A 153 6.94 42.75 -65.85
C GLY A 153 5.53 43.20 -65.54
N LEU A 154 4.54 42.44 -66.02
CA LEU A 154 3.22 43.02 -66.25
C LEU A 154 2.08 42.45 -65.40
N ILE A 155 1.77 41.16 -65.46
CA ILE A 155 0.49 40.71 -64.92
C ILE A 155 0.71 39.70 -63.79
N ALA A 156 1.69 39.99 -62.92
CA ALA A 156 1.88 39.18 -61.72
C ALA A 156 0.64 39.21 -60.83
N LYS A 157 0.39 38.09 -60.15
CA LYS A 157 -0.75 37.93 -59.27
C LYS A 157 -0.36 38.23 -57.83
N LYS A 158 -1.31 38.74 -57.04
CA LYS A 158 -1.00 39.18 -55.68
C LYS A 158 -0.87 37.99 -54.73
N GLN A 159 -1.93 37.23 -54.56
CA GLN A 159 -1.97 36.26 -53.48
C GLN A 159 -2.17 34.84 -54.01
N SER A 160 -1.96 33.88 -53.12
CA SER A 160 -2.06 32.47 -53.44
C SER A 160 -2.30 31.70 -52.15
N ASN A 161 -2.22 30.38 -52.23
CA ASN A 161 -2.28 29.53 -51.06
C ASN A 161 -0.86 29.11 -50.70
N LEU A 162 -0.74 28.18 -49.74
CA LEU A 162 0.54 27.64 -49.37
C LEU A 162 0.58 26.13 -49.32
N PHE A 163 -0.55 25.45 -49.44
CA PHE A 163 -0.60 24.00 -49.39
C PHE A 163 -1.53 23.50 -50.49
N GLY A 164 -1.36 22.23 -50.85
CA GLY A 164 -2.20 21.59 -51.84
C GLY A 164 -1.38 21.04 -52.99
N ALA A 165 -2.00 21.00 -54.16
CA ALA A 165 -1.35 20.56 -55.39
C ALA A 165 -1.20 21.69 -56.40
N THR A 166 -2.30 22.33 -56.76
CA THR A 166 -2.29 23.51 -57.62
C THR A 166 -2.77 24.67 -56.77
N LEU A 167 -1.83 25.39 -56.18
CA LEU A 167 -2.11 26.34 -55.11
C LEU A 167 -2.46 27.73 -55.63
N VAL A 168 -3.41 27.76 -56.55
CA VAL A 168 -3.97 29.00 -57.07
C VAL A 168 -5.43 29.08 -56.63
N ASN A 169 -5.82 30.22 -56.07
CA ASN A 169 -7.14 30.38 -55.51
C ASN A 169 -7.92 31.43 -56.29
N ALA A 170 -9.23 31.36 -56.17
CA ALA A 170 -10.12 32.26 -56.92
C ALA A 170 -10.07 33.63 -56.28
N ASP A 171 -9.28 34.51 -56.86
CA ASP A 171 -9.17 35.90 -56.44
C ASP A 171 -8.67 36.71 -57.62
N ALA A 172 -8.81 38.03 -57.53
CA ALA A 172 -8.35 38.92 -58.60
C ALA A 172 -7.89 40.23 -57.97
N ASN A 173 -6.60 40.32 -57.69
CA ASN A 173 -6.02 41.54 -57.17
C ASN A 173 -4.66 41.81 -57.79
N TYR A 174 -4.57 41.65 -59.12
CA TYR A 174 -3.29 41.57 -59.82
C TYR A 174 -2.47 42.85 -59.73
N LEU A 175 -1.15 42.71 -59.82
CA LEU A 175 -0.21 43.81 -59.77
C LEU A 175 0.44 44.03 -61.13
N THR A 176 1.00 45.22 -61.32
CA THR A 176 1.55 45.64 -62.61
C THR A 176 2.63 46.69 -62.38
N GLY A 177 3.75 46.54 -63.08
CA GLY A 177 4.81 47.52 -62.98
C GLY A 177 4.73 48.64 -63.98
N SER A 178 3.54 49.03 -64.40
CA SER A 178 3.38 50.14 -65.35
C SER A 178 1.98 50.74 -65.24
N LEU A 179 1.62 51.53 -66.23
CA LEU A 179 0.44 52.38 -66.20
C LEU A 179 -0.84 51.57 -66.37
N THR A 180 -1.93 52.11 -65.83
CA THR A 180 -3.27 51.67 -66.16
C THR A 180 -3.86 52.71 -67.10
N THR A 181 -3.48 52.61 -68.36
CA THR A 181 -4.05 53.47 -69.38
C THR A 181 -4.58 52.70 -70.57
N PHE A 182 -3.91 51.63 -70.97
CA PHE A 182 -4.40 50.78 -72.05
C PHE A 182 -5.25 49.65 -71.48
N ASN A 183 -6.30 49.29 -72.22
CA ASN A 183 -7.25 48.27 -71.79
C ASN A 183 -7.56 47.32 -72.95
N GLY A 184 -6.68 46.34 -73.13
CA GLY A 184 -6.81 45.38 -74.20
C GLY A 184 -7.74 44.25 -73.84
N ALA A 185 -7.51 43.10 -74.45
CA ALA A 185 -8.29 41.90 -74.16
C ALA A 185 -7.70 41.07 -73.03
N TYR A 186 -6.67 41.59 -72.36
CA TYR A 186 -6.02 40.87 -71.28
C TYR A 186 -6.14 41.55 -69.93
N THR A 187 -6.58 42.79 -69.87
CA THR A 187 -6.57 43.55 -68.63
C THR A 187 -7.71 43.11 -67.73
N PRO A 188 -7.43 42.70 -66.49
CA PRO A 188 -8.51 42.28 -65.58
C PRO A 188 -9.14 43.49 -64.90
N ALA A 189 -10.10 43.20 -64.00
CA ALA A 189 -10.94 44.25 -63.44
C ALA A 189 -10.25 45.02 -62.33
N ASN A 190 -9.97 44.35 -61.20
CA ASN A 190 -9.27 44.98 -60.09
C ASN A 190 -7.79 45.03 -60.43
N TYR A 191 -7.19 46.20 -60.33
CA TYR A 191 -5.90 46.41 -60.96
C TYR A 191 -5.15 47.47 -60.18
N ALA A 192 -3.83 47.38 -60.19
CA ALA A 192 -3.03 48.26 -59.35
C ALA A 192 -1.65 48.45 -59.95
N ASN A 193 -1.00 49.54 -59.55
CA ASN A 193 0.38 49.81 -59.93
C ASN A 193 1.26 49.56 -58.72
N VAL A 194 2.37 48.86 -58.92
CA VAL A 194 3.30 48.58 -57.83
C VAL A 194 4.71 48.89 -58.33
N PRO A 195 5.39 49.87 -57.74
CA PRO A 195 6.68 50.33 -58.27
C PRO A 195 7.89 49.66 -57.64
N TRP A 196 7.92 48.33 -57.64
CA TRP A 196 9.16 47.64 -57.37
C TRP A 196 9.49 46.56 -58.38
N LEU A 197 8.58 46.24 -59.30
CA LEU A 197 8.84 45.24 -60.34
C LEU A 197 9.46 45.88 -61.57
N SER A 198 10.54 46.65 -61.39
CA SER A 198 11.13 47.40 -62.50
C SER A 198 12.57 47.75 -62.15
N ARG A 199 13.52 47.15 -62.83
CA ARG A 199 14.92 47.52 -62.73
C ARG A 199 15.28 48.41 -63.91
N ASN A 200 16.54 48.83 -63.97
CA ASN A 200 17.05 49.62 -65.08
C ASN A 200 18.10 48.81 -65.83
N TYR A 201 18.10 48.96 -67.16
CA TYR A 201 18.66 47.95 -68.05
C TYR A 201 20.18 47.94 -67.99
N VAL A 202 20.75 46.76 -67.72
CA VAL A 202 22.19 46.58 -67.74
C VAL A 202 22.53 45.17 -68.21
N ALA A 203 23.33 45.10 -69.30
CA ALA A 203 24.23 44.05 -69.78
C ALA A 203 23.88 42.61 -69.40
N PRO A 204 22.76 42.06 -69.87
CA PRO A 204 22.48 40.66 -69.56
C PRO A 204 23.41 39.74 -70.35
N ALA A 205 23.67 38.57 -69.80
CA ALA A 205 24.63 37.64 -70.38
C ALA A 205 24.30 36.23 -69.88
N ALA A 206 25.26 35.30 -70.07
CA ALA A 206 25.11 33.95 -69.54
C ALA A 206 25.11 33.94 -68.01
N ASP A 207 25.87 34.85 -67.39
CA ASP A 207 25.74 35.12 -65.96
C ASP A 207 25.19 36.52 -65.77
N ALA A 208 24.87 36.83 -64.51
CA ALA A 208 24.24 38.07 -64.05
C ALA A 208 22.98 38.39 -64.83
N PRO A 209 21.88 37.66 -64.62
CA PRO A 209 20.65 37.95 -65.34
C PRO A 209 19.87 39.07 -64.65
N GLN A 210 18.76 39.44 -65.28
CA GLN A 210 17.86 40.43 -64.72
C GLN A 210 16.43 39.94 -64.87
N GLY A 211 15.65 40.04 -63.81
CA GLY A 211 14.30 39.52 -63.85
C GLY A 211 13.62 39.68 -62.52
N PHE A 212 12.50 38.97 -62.36
CA PHE A 212 11.66 39.09 -61.19
C PHE A 212 11.19 37.73 -60.69
N TYR A 213 11.09 37.63 -59.36
CA TYR A 213 10.36 36.55 -58.73
C TYR A 213 8.87 36.81 -58.90
N VAL A 214 8.09 35.73 -58.91
CA VAL A 214 6.68 35.83 -59.22
C VAL A 214 5.96 34.66 -58.56
N LEU A 215 4.65 34.83 -58.36
CA LEU A 215 3.81 33.77 -57.85
C LEU A 215 3.16 33.02 -59.02
N GLU A 216 2.16 32.21 -58.74
CA GLU A 216 1.59 31.29 -59.71
C GLU A 216 0.17 31.71 -60.06
N ASN A 217 -0.21 31.45 -61.30
CA ASN A 217 -1.45 31.98 -61.86
C ASN A 217 -1.86 31.12 -63.05
N ASP A 218 -3.14 30.78 -63.12
CA ASP A 218 -3.68 29.87 -64.12
C ASP A 218 -4.35 30.70 -65.21
N TYR A 219 -3.96 30.47 -66.46
CA TYR A 219 -4.62 31.08 -67.61
C TYR A 219 -4.70 30.09 -68.76
N SER A 220 -5.08 28.85 -68.47
CA SER A 220 -5.03 27.78 -69.45
C SER A 220 -6.37 27.50 -70.11
N ALA A 221 -7.36 28.36 -69.91
CA ALA A 221 -8.66 28.15 -70.54
C ALA A 221 -8.58 28.41 -72.04
N ASN A 222 -9.37 27.68 -72.80
CA ASN A 222 -9.36 27.86 -74.25
C ASN A 222 -10.22 29.04 -74.67
N GLY A 223 -11.52 28.97 -74.39
CA GLY A 223 -12.40 30.07 -74.65
C GLY A 223 -12.36 31.11 -73.55
N GLY A 224 -13.16 32.16 -73.74
CA GLY A 224 -13.24 33.21 -72.75
C GLY A 224 -12.01 34.11 -72.77
N THR A 225 -11.76 34.74 -71.62
CA THR A 225 -10.67 35.69 -71.46
C THR A 225 -9.70 35.17 -70.42
N ILE A 226 -8.40 35.28 -70.73
CA ILE A 226 -7.35 34.82 -69.83
C ILE A 226 -6.53 36.01 -69.35
N HIS A 227 -5.55 35.75 -68.48
CA HIS A 227 -4.66 36.79 -67.99
C HIS A 227 -3.25 36.21 -67.85
N PRO A 228 -2.50 36.15 -68.94
CA PRO A 228 -1.17 35.55 -68.88
C PRO A 228 -0.16 36.50 -68.27
N THR A 229 0.97 35.96 -67.82
CA THR A 229 2.03 36.73 -67.21
C THR A 229 3.00 37.16 -68.29
N ILE A 230 3.27 38.46 -68.37
CA ILE A 230 4.06 39.04 -69.44
C ILE A 230 5.32 39.66 -68.83
N LEU A 231 6.46 39.39 -69.42
CA LEU A 231 7.68 40.14 -69.14
C LEU A 231 7.99 40.96 -70.38
N CYS A 232 8.75 42.04 -70.23
CA CYS A 232 9.02 42.88 -71.39
C CYS A 232 10.27 43.71 -71.18
N VAL A 233 10.79 44.22 -72.29
CA VAL A 233 11.69 45.35 -72.29
C VAL A 233 10.97 46.51 -72.94
N TYR A 234 11.52 47.71 -72.78
CA TYR A 234 10.84 48.92 -73.20
C TYR A 234 11.90 49.96 -73.53
N GLY A 235 11.93 50.43 -74.78
CA GLY A 235 13.03 51.27 -75.18
C GLY A 235 12.74 52.16 -76.38
N LYS A 236 13.67 53.08 -76.62
CA LYS A 236 13.62 54.00 -77.74
C LYS A 236 13.73 53.26 -79.07
N LEU A 237 13.14 53.84 -80.10
CA LEU A 237 13.25 53.31 -81.46
C LEU A 237 13.76 54.44 -82.34
N GLN A 238 15.03 54.36 -82.73
CA GLN A 238 15.62 55.39 -83.56
C GLN A 238 15.38 55.10 -85.03
N LYS A 239 15.49 56.14 -85.85
CA LYS A 239 15.46 56.00 -87.30
C LYS A 239 16.65 56.74 -87.90
N ASN A 240 17.41 56.03 -88.74
CA ASN A 240 18.71 56.41 -89.33
C ASN A 240 19.61 57.18 -88.35
N GLY A 241 19.85 56.56 -87.20
CA GLY A 241 20.86 57.02 -86.27
C GLY A 241 20.47 58.10 -85.28
N ALA A 242 19.58 59.00 -85.66
CA ALA A 242 19.16 60.09 -84.80
C ALA A 242 17.88 59.73 -84.07
N ASP A 243 17.40 60.64 -83.23
CA ASP A 243 16.16 60.39 -82.52
C ASP A 243 14.97 60.62 -83.45
N LEU A 244 13.90 59.86 -83.21
CA LEU A 244 12.74 59.89 -84.07
C LEU A 244 11.82 61.04 -83.66
N ALA A 245 11.56 61.95 -84.58
CA ALA A 245 10.64 63.06 -84.38
C ALA A 245 10.06 63.43 -85.74
N GLY A 246 9.47 64.61 -85.83
CA GLY A 246 8.97 65.08 -87.11
C GLY A 246 7.66 64.44 -87.49
N ALA A 247 7.39 64.44 -88.80
CA ALA A 247 6.13 63.95 -89.35
C ALA A 247 6.14 62.46 -89.63
N ASP A 248 7.07 61.72 -89.03
CA ASP A 248 7.07 60.26 -89.11
C ASP A 248 6.44 59.61 -87.91
N LEU A 249 6.52 60.27 -86.75
CA LEU A 249 5.91 59.74 -85.53
C LEU A 249 4.40 59.64 -85.66
N ALA A 250 3.77 60.68 -86.22
CA ALA A 250 2.37 60.60 -86.57
C ALA A 250 2.12 59.64 -87.72
N ALA A 251 3.15 59.35 -88.53
CA ALA A 251 3.08 58.26 -89.48
C ALA A 251 3.46 56.92 -88.87
N ALA A 252 4.01 56.92 -87.65
CA ALA A 252 4.28 55.68 -86.95
C ALA A 252 3.17 55.29 -85.99
N GLN A 253 2.28 56.22 -85.64
CA GLN A 253 1.19 55.89 -84.75
C GLN A 253 0.10 55.09 -85.46
N ALA A 254 -0.04 55.26 -86.77
CA ALA A 254 -1.10 54.56 -87.50
C ALA A 254 -0.83 53.07 -87.59
N ALA A 255 0.44 52.67 -87.55
CA ALA A 255 0.80 51.26 -87.49
C ALA A 255 0.85 50.75 -86.05
N ASN A 256 0.57 51.61 -85.07
CA ASN A 256 0.54 51.30 -83.64
C ASN A 256 1.88 50.76 -83.13
N TRP A 257 2.99 51.22 -83.73
CA TRP A 257 4.30 50.82 -83.24
C TRP A 257 4.63 51.55 -81.95
N VAL A 258 4.72 52.86 -82.02
CA VAL A 258 5.32 53.70 -80.99
C VAL A 258 4.25 54.62 -80.42
N ASP A 259 4.26 54.79 -79.11
CA ASP A 259 3.30 55.67 -78.44
C ASP A 259 3.71 57.14 -78.62
N ALA A 260 3.07 58.03 -77.87
CA ALA A 260 3.28 59.46 -78.05
C ALA A 260 4.64 59.94 -77.55
N GLU A 261 5.29 59.19 -76.66
CA GLU A 261 6.55 59.66 -76.09
C GLU A 261 7.72 59.41 -77.04
N GLY A 262 7.77 58.23 -77.66
CA GLY A 262 8.88 57.91 -78.54
C GLY A 262 9.48 56.55 -78.25
N LYS A 263 8.79 55.75 -77.45
CA LYS A 263 9.27 54.46 -77.00
C LYS A 263 8.38 53.34 -77.52
N THR A 264 8.86 52.11 -77.39
CA THR A 264 8.09 50.94 -77.78
C THR A 264 8.36 49.81 -76.80
N TYR A 265 7.42 48.86 -76.77
CA TYR A 265 7.44 47.72 -75.87
C TYR A 265 7.92 46.48 -76.61
N TYR A 266 8.24 45.44 -75.84
CA TYR A 266 8.51 44.12 -76.41
C TYR A 266 7.98 43.06 -75.46
N PRO A 267 6.69 42.75 -75.54
CA PRO A 267 6.11 41.79 -74.61
C PRO A 267 6.46 40.35 -74.99
N VAL A 268 6.72 39.54 -73.97
CA VAL A 268 6.95 38.12 -74.14
C VAL A 268 6.17 37.37 -73.06
N LEU A 269 5.50 36.31 -73.46
CA LEU A 269 4.62 35.54 -72.60
C LEU A 269 5.39 34.33 -72.07
N VAL A 270 5.43 34.16 -70.75
CA VAL A 270 6.12 33.00 -70.19
C VAL A 270 5.23 31.79 -70.32
N ASN A 271 5.77 30.72 -70.92
CA ASN A 271 5.17 29.38 -70.97
C ASN A 271 3.81 29.39 -71.68
N PHE A 272 3.82 29.79 -72.96
CA PHE A 272 2.58 30.14 -73.62
C PHE A 272 2.13 29.20 -74.74
N ASN A 273 3.07 28.51 -75.40
CA ASN A 273 2.80 27.60 -76.53
C ASN A 273 2.11 28.34 -77.68
N SER A 274 2.79 29.34 -78.20
CA SER A 274 2.39 30.03 -79.42
C SER A 274 3.36 29.67 -80.54
N ASN A 275 3.06 30.14 -81.73
CA ASN A 275 3.93 29.84 -82.86
C ASN A 275 5.21 30.66 -82.82
N ASN A 276 5.16 31.85 -82.22
CA ASN A 276 6.29 32.77 -82.26
C ASN A 276 7.42 32.34 -81.36
N TYR A 277 7.15 31.52 -80.35
CA TYR A 277 8.18 31.07 -79.43
C TYR A 277 8.71 29.71 -79.86
N THR A 278 9.78 29.29 -79.22
CA THR A 278 10.32 27.95 -79.39
C THR A 278 11.01 27.54 -78.11
N TYR A 279 11.29 26.25 -77.99
CA TYR A 279 11.90 25.74 -76.77
C TYR A 279 13.07 24.83 -77.07
N ASP A 280 13.61 24.18 -76.04
CA ASP A 280 14.72 23.27 -76.24
C ASP A 280 14.67 22.17 -75.18
N SER A 281 15.52 21.16 -75.39
CA SER A 281 15.60 19.92 -74.58
C SER A 281 14.28 19.16 -74.56
N ASN A 282 13.49 19.30 -75.63
CA ASN A 282 12.25 18.56 -75.89
C ASN A 282 11.26 18.75 -74.72
N TYR A 283 10.82 19.98 -74.58
CA TYR A 283 9.95 20.37 -73.48
C TYR A 283 8.62 20.84 -74.05
N THR A 284 7.56 20.09 -73.79
CA THR A 284 6.28 20.68 -74.15
C THR A 284 5.91 21.74 -73.12
N PRO A 285 5.35 22.87 -73.55
CA PRO A 285 5.03 23.94 -72.61
C PRO A 285 3.60 23.85 -72.10
N LYS A 286 3.45 24.13 -70.81
CA LYS A 286 2.14 24.17 -70.17
C LYS A 286 1.70 25.62 -70.03
N ASN A 287 0.41 25.84 -70.07
CA ASN A 287 -0.13 27.20 -70.15
C ASN A 287 -0.30 27.86 -68.80
N LYS A 288 0.43 27.43 -67.78
CA LYS A 288 0.33 28.01 -66.45
C LYS A 288 1.71 28.29 -65.90
N ILE A 289 1.77 29.15 -64.90
CA ILE A 289 2.96 29.30 -64.08
C ILE A 289 2.80 28.33 -62.91
N GLU A 290 3.68 27.35 -62.83
CA GLU A 290 3.64 26.40 -61.73
C GLU A 290 4.73 26.74 -60.72
N ARG A 291 4.83 25.93 -59.69
CA ARG A 291 5.71 26.23 -58.57
C ARG A 291 7.14 25.80 -58.87
N ASN A 292 8.09 26.57 -58.32
CA ASN A 292 9.51 26.21 -58.22
C ASN A 292 10.15 25.98 -59.58
N HIS A 293 10.01 26.98 -60.46
CA HIS A 293 10.52 26.88 -61.80
C HIS A 293 11.40 28.10 -62.09
N LYS A 294 12.27 27.95 -63.09
CA LYS A 294 13.23 28.97 -63.47
C LYS A 294 13.10 29.23 -64.97
N TYR A 295 12.46 30.35 -65.33
CA TYR A 295 12.19 30.67 -66.73
C TYR A 295 13.22 31.68 -67.21
N ASP A 296 14.26 31.19 -67.86
CA ASP A 296 15.24 32.05 -68.51
C ASP A 296 14.81 32.29 -69.95
N ILE A 297 14.82 33.55 -70.38
CA ILE A 297 14.38 33.88 -71.72
C ILE A 297 15.44 34.70 -72.43
N LYS A 298 15.67 34.37 -73.69
CA LYS A 298 16.57 35.09 -74.59
C LYS A 298 15.84 35.39 -75.89
N LEU A 299 15.64 36.66 -76.18
CA LEU A 299 14.86 37.06 -77.34
C LEU A 299 15.75 37.75 -78.35
N THR A 300 15.27 37.75 -79.59
CA THR A 300 15.97 38.37 -80.71
C THR A 300 15.02 39.36 -81.38
N ILE A 301 15.39 40.63 -81.35
CA ILE A 301 14.55 41.68 -81.92
C ILE A 301 14.64 41.62 -83.44
N THR A 302 13.48 41.58 -84.10
CA THR A 302 13.40 41.59 -85.55
C THR A 302 12.26 42.55 -85.90
N GLY A 303 12.62 43.73 -86.38
CA GLY A 303 11.63 44.76 -86.62
C GLY A 303 11.30 45.50 -85.34
N PRO A 304 10.41 46.47 -85.41
CA PRO A 304 10.06 47.26 -84.24
C PRO A 304 9.05 46.52 -83.37
N GLY A 305 8.60 47.20 -82.32
CA GLY A 305 7.64 46.64 -81.40
C GLY A 305 6.25 47.21 -81.58
N THR A 306 5.46 47.09 -80.53
CA THR A 306 4.07 47.51 -80.56
C THR A 306 3.72 48.32 -79.32
N ASN A 307 2.64 49.09 -79.42
CA ASN A 307 2.00 49.60 -78.24
C ASN A 307 1.06 48.55 -77.68
N ASN A 308 0.45 48.85 -76.53
CA ASN A 308 -0.49 48.00 -75.79
C ASN A 308 0.07 46.61 -75.54
N PRO A 309 1.00 46.44 -74.59
CA PRO A 309 1.58 45.12 -74.35
C PRO A 309 0.59 44.13 -73.75
N GLU A 310 -0.56 44.58 -73.27
CA GLU A 310 -1.64 43.69 -72.89
C GLU A 310 -2.64 43.46 -74.01
N ASN A 311 -2.19 43.47 -75.24
CA ASN A 311 -2.98 43.01 -76.38
C ASN A 311 -2.57 41.59 -76.74
N PRO A 312 -3.44 40.83 -77.39
CA PRO A 312 -3.04 39.49 -77.83
C PRO A 312 -1.99 39.57 -78.92
N ILE A 313 -1.09 38.60 -78.91
CA ILE A 313 0.04 38.63 -79.83
C ILE A 313 -0.41 38.15 -81.20
N THR A 314 0.37 38.52 -82.22
CA THR A 314 0.10 38.13 -83.61
C THR A 314 1.17 37.13 -84.02
N GLU A 315 0.76 35.88 -84.21
CA GLU A 315 1.71 34.83 -84.54
C GLU A 315 2.18 34.96 -85.98
N SER A 316 3.22 34.19 -86.32
CA SER A 316 3.87 34.28 -87.62
C SER A 316 3.04 33.67 -88.74
N ALA B 1 -7.80 17.31 10.06
CA ALA B 1 -6.76 16.64 10.83
C ALA B 1 -6.12 15.53 10.02
N PHE B 2 -5.81 15.84 8.76
CA PHE B 2 -5.16 14.88 7.88
C PHE B 2 -3.66 15.17 7.88
N GLY B 3 -2.95 14.49 8.77
CA GLY B 3 -1.51 14.50 8.70
C GLY B 3 -0.93 15.60 9.55
N VAL B 4 -0.39 15.25 10.72
CA VAL B 4 0.33 16.19 11.55
C VAL B 4 1.62 15.52 12.02
N GLY B 5 1.67 14.21 11.87
CA GLY B 5 2.78 13.40 12.37
C GLY B 5 2.56 12.90 13.77
N ASP B 6 1.93 13.73 14.62
CA ASP B 6 1.59 13.30 15.96
C ASP B 6 0.42 12.31 15.95
N ASP B 7 -0.68 12.69 15.29
CA ASP B 7 -1.85 11.82 15.22
C ASP B 7 -1.61 10.60 14.33
N GLU B 8 -0.62 10.65 13.45
CA GLU B 8 -0.31 9.47 12.65
C GLU B 8 0.30 8.37 13.48
N SER B 9 0.94 8.72 14.59
CA SER B 9 1.56 7.76 15.50
C SER B 9 1.01 8.02 16.91
N LYS B 10 -0.15 7.46 17.21
CA LYS B 10 -0.75 7.66 18.53
C LYS B 10 -1.65 6.47 18.82
N VAL B 11 -1.23 5.64 19.75
CA VAL B 11 -2.03 4.51 20.17
C VAL B 11 -3.18 5.00 21.04
N ALA B 12 -4.29 4.27 21.01
CA ALA B 12 -5.45 4.64 21.81
C ALA B 12 -6.00 3.43 22.57
N LYS B 13 -5.76 2.23 22.04
CA LYS B 13 -6.21 1.02 22.71
C LYS B 13 -5.23 -0.09 22.34
N LEU B 14 -4.23 -0.29 23.19
CA LEU B 14 -3.26 -1.36 22.99
C LEU B 14 -3.82 -2.65 23.56
N THR B 15 -3.62 -3.76 22.84
CA THR B 15 -4.21 -5.03 23.23
C THR B 15 -3.20 -6.14 22.98
N VAL B 16 -2.84 -6.86 24.03
CA VAL B 16 -1.84 -7.91 23.99
C VAL B 16 -2.55 -9.23 24.25
N MET B 17 -2.29 -10.22 23.40
CA MET B 17 -2.87 -11.55 23.58
C MET B 17 -1.79 -12.59 23.62
N VAL B 18 -1.89 -13.51 24.59
CA VAL B 18 -0.95 -14.60 24.77
C VAL B 18 -1.71 -15.91 24.62
N TYR B 19 -1.27 -16.74 23.69
CA TYR B 19 -1.85 -18.04 23.43
C TYR B 19 -0.85 -19.15 23.77
N ASN B 20 -1.37 -20.32 24.12
CA ASN B 20 -0.55 -21.50 24.35
C ASN B 20 -0.64 -22.50 23.21
N GLY B 21 -1.11 -22.05 22.05
CA GLY B 21 -1.29 -22.91 20.90
C GLY B 21 -2.76 -23.07 20.57
N GLU B 22 -3.21 -22.26 19.60
CA GLU B 22 -4.56 -22.30 19.03
C GLU B 22 -5.67 -22.07 20.05
N GLN B 23 -5.37 -21.48 21.20
CA GLN B 23 -6.40 -21.22 22.20
C GLN B 23 -6.07 -19.94 22.96
N GLN B 24 -7.11 -19.17 23.25
CA GLN B 24 -6.96 -17.90 23.97
C GLN B 24 -6.69 -18.18 25.44
N GLU B 25 -5.55 -17.69 25.94
CA GLU B 25 -5.24 -17.83 27.37
C GLU B 25 -5.23 -16.50 28.11
N ALA B 26 -4.47 -15.52 27.65
CA ALA B 26 -4.36 -14.26 28.37
C ALA B 26 -4.66 -13.11 27.44
N ILE B 27 -5.49 -12.17 27.89
CA ILE B 27 -5.81 -10.97 27.11
C ILE B 27 -6.19 -9.86 28.07
N LYS B 28 -5.54 -8.72 27.93
CA LYS B 28 -5.83 -7.57 28.77
C LYS B 28 -5.38 -6.33 28.03
N SER B 29 -6.31 -5.43 27.74
CA SER B 29 -6.06 -4.28 26.92
C SER B 29 -5.92 -3.03 27.79
N ALA B 30 -4.95 -2.21 27.46
CA ALA B 30 -4.79 -0.90 28.09
C ALA B 30 -5.18 0.18 27.11
N GLU B 31 -5.48 1.37 27.63
CA GLU B 31 -5.94 2.46 26.79
C GLU B 31 -5.06 3.69 27.00
N ASN B 32 -4.98 4.50 25.93
CA ASN B 32 -4.21 5.74 25.78
C ASN B 32 -2.81 5.73 26.38
N ALA B 33 -2.13 4.60 26.25
CA ALA B 33 -0.77 4.45 26.76
C ALA B 33 -0.07 3.37 25.95
N THR B 34 1.15 3.01 26.36
CA THR B 34 1.89 1.98 25.64
C THR B 34 2.64 1.03 26.56
N LYS B 35 2.29 0.99 27.85
CA LYS B 35 2.88 0.05 28.79
C LYS B 35 1.77 -0.86 29.32
N VAL B 36 2.03 -2.16 29.33
CA VAL B 36 1.07 -3.14 29.84
C VAL B 36 1.68 -3.80 31.07
N GLU B 37 0.85 -4.08 32.07
CA GLU B 37 1.33 -4.30 33.43
C GLU B 37 1.11 -5.69 34.01
N ASP B 38 0.00 -6.36 33.72
CA ASP B 38 -0.38 -7.53 34.51
C ASP B 38 -0.91 -8.67 33.66
N ILE B 39 -0.19 -9.04 32.61
CA ILE B 39 -0.63 -10.16 31.79
C ILE B 39 -0.27 -11.45 32.49
N LYS B 40 -1.17 -11.98 33.30
CA LYS B 40 -0.89 -13.23 33.99
C LYS B 40 -1.21 -14.41 33.08
N CYS B 41 -0.37 -15.42 33.15
CA CYS B 41 -0.43 -16.56 32.27
C CYS B 41 0.41 -17.68 32.85
N SER B 42 0.55 -18.76 32.10
CA SER B 42 1.37 -19.89 32.51
C SER B 42 2.82 -19.65 32.09
N ALA B 43 3.63 -20.71 32.15
CA ALA B 43 5.00 -20.67 31.66
C ALA B 43 5.11 -21.55 30.43
N GLY B 44 6.29 -21.52 29.81
CA GLY B 44 6.57 -22.38 28.68
C GLY B 44 6.64 -21.68 27.35
N GLN B 45 6.19 -22.34 26.29
CA GLN B 45 6.22 -21.80 24.94
C GLN B 45 4.87 -21.17 24.63
N ARG B 46 4.86 -19.86 24.44
CA ARG B 46 3.63 -19.13 24.18
C ARG B 46 3.79 -18.29 22.92
N THR B 47 2.68 -17.95 22.30
CA THR B 47 2.64 -17.07 21.15
C THR B 47 2.06 -15.73 21.55
N LEU B 48 2.67 -14.66 21.07
CA LEU B 48 2.40 -13.31 21.54
C LEU B 48 1.97 -12.45 20.36
N VAL B 49 0.73 -11.99 20.36
CA VAL B 49 0.29 -11.04 19.34
C VAL B 49 -0.07 -9.73 20.04
N VAL B 50 0.03 -8.64 19.29
CA VAL B 50 -0.18 -7.32 19.84
C VAL B 50 -0.79 -6.42 18.76
N MET B 51 -1.90 -5.77 19.10
CA MET B 51 -2.61 -4.91 18.17
C MET B 51 -2.91 -3.58 18.85
N ALA B 52 -3.23 -2.59 18.04
CA ALA B 52 -3.51 -1.27 18.59
C ALA B 52 -4.55 -0.58 17.73
N ASN B 53 -5.34 0.29 18.39
CA ASN B 53 -6.35 1.13 17.76
C ASN B 53 -7.41 0.30 17.04
N THR B 54 -7.75 -0.86 17.61
CA THR B 54 -8.68 -1.78 16.97
C THR B 54 -10.13 -1.34 17.11
N GLY B 55 -10.42 -0.33 17.93
CA GLY B 55 -11.78 0.12 18.09
C GLY B 55 -12.64 -0.89 18.84
N ALA B 56 -13.93 -0.89 18.54
CA ALA B 56 -14.89 -1.80 19.19
C ALA B 56 -15.03 -3.04 18.33
N MET B 57 -14.19 -4.03 18.59
CA MET B 57 -14.19 -5.28 17.85
C MET B 57 -14.24 -6.44 18.84
N GLU B 58 -14.92 -7.52 18.45
CA GLU B 58 -14.95 -8.73 19.26
C GLU B 58 -13.57 -9.38 19.26
N LEU B 59 -12.95 -9.47 20.44
CA LEU B 59 -11.65 -10.10 20.57
C LEU B 59 -11.56 -11.14 21.65
N VAL B 60 -12.53 -11.23 22.56
CA VAL B 60 -12.49 -12.22 23.62
C VAL B 60 -12.83 -13.59 23.06
N GLY B 61 -12.08 -14.61 23.48
CA GLY B 61 -12.38 -15.98 23.15
C GLY B 61 -12.05 -16.42 21.75
N LYS B 62 -11.61 -15.53 20.87
CA LYS B 62 -11.32 -15.93 19.50
C LYS B 62 -10.00 -16.69 19.43
N THR B 63 -9.93 -17.64 18.51
CA THR B 63 -8.80 -18.55 18.42
C THR B 63 -7.65 -17.92 17.65
N LEU B 64 -6.67 -18.74 17.28
CA LEU B 64 -5.47 -18.24 16.63
C LEU B 64 -5.73 -17.91 15.17
N ALA B 65 -6.37 -18.81 14.43
CA ALA B 65 -6.58 -18.60 13.00
C ALA B 65 -7.58 -17.50 12.74
N GLU B 66 -8.56 -17.32 13.64
CA GLU B 66 -9.55 -16.28 13.44
C GLU B 66 -8.96 -14.89 13.66
N VAL B 67 -8.01 -14.76 14.59
CA VAL B 67 -7.35 -13.47 14.74
C VAL B 67 -6.25 -13.30 13.71
N LYS B 68 -5.75 -14.39 13.12
CA LYS B 68 -4.83 -14.25 12.01
C LYS B 68 -5.52 -13.94 10.69
N ALA B 69 -6.82 -14.16 10.60
CA ALA B 69 -7.58 -13.87 9.38
C ALA B 69 -8.67 -12.84 9.63
N LEU B 70 -8.34 -11.78 10.37
CA LEU B 70 -9.27 -10.67 10.56
C LEU B 70 -9.14 -9.67 9.42
N THR B 71 -10.27 -9.09 9.03
CA THR B 71 -10.32 -8.10 7.97
C THR B 71 -10.92 -6.80 8.48
N THR B 72 -10.35 -5.69 8.05
CA THR B 72 -10.92 -4.37 8.29
C THR B 72 -11.11 -3.65 6.97
N GLU B 73 -12.04 -2.71 6.96
CA GLU B 73 -12.23 -1.85 5.80
C GLU B 73 -12.19 -0.40 6.27
N LEU B 74 -11.88 0.49 5.35
CA LEU B 74 -11.73 1.89 5.72
C LEU B 74 -13.10 2.52 5.90
N THR B 75 -13.19 3.42 6.86
CA THR B 75 -14.43 4.08 7.23
C THR B 75 -14.36 5.55 6.83
N ALA B 76 -15.40 6.29 7.23
CA ALA B 76 -15.33 7.74 7.14
C ALA B 76 -14.33 8.32 8.13
N GLU B 77 -14.12 7.63 9.24
CA GLU B 77 -13.32 8.16 10.34
C GLU B 77 -11.85 7.84 10.18
N ASN B 78 -11.43 7.29 9.05
CA ASN B 78 -10.01 7.13 8.80
C ASN B 78 -9.38 8.33 8.13
N GLN B 79 -10.18 9.12 7.40
CA GLN B 79 -9.63 10.26 6.70
C GLN B 79 -9.32 11.42 7.63
N GLU B 80 -9.85 11.41 8.85
CA GLU B 80 -9.46 12.37 9.87
C GLU B 80 -8.33 11.84 10.75
N ALA B 81 -7.61 10.83 10.28
CA ALA B 81 -6.48 10.19 10.96
C ALA B 81 -6.88 9.64 12.33
N ALA B 82 -7.77 8.64 12.30
CA ALA B 82 -8.22 8.00 13.52
C ALA B 82 -8.51 6.54 13.20
N GLY B 83 -8.28 5.67 14.18
CA GLY B 83 -8.51 4.26 13.99
C GLY B 83 -7.53 3.59 13.06
N LEU B 84 -6.29 4.04 13.05
CA LEU B 84 -5.25 3.44 12.22
C LEU B 84 -4.76 2.18 12.90
N ILE B 85 -5.11 1.02 12.35
CA ILE B 85 -4.82 -0.26 12.97
C ILE B 85 -3.34 -0.58 12.80
N MET B 86 -2.68 -0.96 13.89
CA MET B 86 -1.27 -1.33 13.86
C MET B 86 -1.11 -2.78 14.26
N THR B 87 0.08 -3.31 14.02
CA THR B 87 0.28 -4.76 14.04
C THR B 87 1.77 -5.07 14.09
N ALA B 88 2.16 -5.99 14.98
CA ALA B 88 3.40 -6.72 14.87
C ALA B 88 3.11 -8.16 14.48
N GLU B 89 4.15 -8.85 14.06
CA GLU B 89 4.02 -10.25 13.67
C GLU B 89 4.06 -11.14 14.91
N PRO B 90 3.51 -12.36 14.83
CA PRO B 90 3.71 -13.33 15.90
C PRO B 90 5.18 -13.74 16.00
N LYS B 91 5.61 -14.06 17.22
CA LYS B 91 7.04 -14.29 17.43
C LYS B 91 7.42 -15.42 18.36
N THR B 92 6.46 -16.20 18.87
CA THR B 92 6.60 -17.43 19.69
C THR B 92 7.74 -17.39 20.74
N ILE B 93 7.59 -16.48 21.70
CA ILE B 93 8.60 -16.32 22.75
C ILE B 93 8.46 -17.41 23.81
N VAL B 94 9.45 -17.52 24.68
CA VAL B 94 9.46 -18.49 25.76
C VAL B 94 9.45 -17.73 27.08
N LEU B 95 8.99 -18.39 28.14
CA LEU B 95 8.79 -17.75 29.43
C LEU B 95 9.46 -18.54 30.55
N LYS B 96 10.05 -17.82 31.50
CA LYS B 96 10.58 -18.40 32.72
C LYS B 96 9.47 -18.42 33.77
N ALA B 97 9.82 -18.68 35.03
CA ALA B 97 8.80 -18.91 36.05
C ALA B 97 8.31 -17.63 36.72
N GLY B 98 9.21 -16.87 37.31
CA GLY B 98 8.82 -15.80 38.23
C GLY B 98 8.12 -14.60 37.63
N LYS B 99 8.84 -13.83 36.82
CA LYS B 99 8.29 -12.58 36.27
C LYS B 99 9.09 -12.25 35.01
N ASN B 100 8.44 -12.34 33.85
CA ASN B 100 9.06 -12.06 32.57
C ASN B 100 8.65 -10.69 32.07
N TYR B 101 9.54 -10.05 31.32
CA TYR B 101 9.21 -8.85 30.58
C TYR B 101 10.16 -8.69 29.41
N ILE B 102 9.79 -7.81 28.48
CA ILE B 102 10.46 -7.69 27.20
C ILE B 102 10.78 -6.21 26.94
N GLY B 103 12.00 -5.94 26.47
CA GLY B 103 12.43 -4.59 26.22
C GLY B 103 12.90 -3.87 27.48
N TYR B 104 13.32 -2.62 27.28
CA TYR B 104 13.91 -1.71 28.27
C TYR B 104 14.96 -2.41 29.14
N SER B 105 16.04 -2.77 28.44
CA SER B 105 17.00 -3.78 28.89
C SER B 105 17.68 -3.42 30.21
N GLY B 106 17.58 -4.34 31.18
CA GLY B 106 18.23 -4.15 32.45
C GLY B 106 17.55 -3.16 33.36
N THR B 107 16.35 -3.51 33.84
CA THR B 107 15.63 -2.64 34.76
C THR B 107 15.47 -3.27 36.15
N GLY B 108 14.86 -4.46 36.24
CA GLY B 108 14.54 -5.04 37.53
C GLY B 108 15.03 -6.48 37.63
N GLU B 109 14.22 -7.29 38.31
CA GLU B 109 14.55 -8.69 38.55
C GLU B 109 13.98 -9.55 37.42
N GLY B 110 13.94 -10.86 37.62
CA GLY B 110 13.39 -11.75 36.62
C GLY B 110 14.35 -12.02 35.49
N ASN B 111 13.86 -12.00 34.25
CA ASN B 111 14.72 -12.17 33.10
C ASN B 111 14.10 -11.47 31.90
N HIS B 112 14.96 -11.01 30.99
CA HIS B 112 14.51 -10.38 29.76
C HIS B 112 14.57 -11.41 28.64
N ILE B 113 13.55 -11.38 27.77
CA ILE B 113 13.54 -12.24 26.61
C ILE B 113 14.25 -11.52 25.46
N GLU B 114 13.72 -10.38 25.06
CA GLU B 114 14.26 -9.59 23.96
C GLU B 114 14.62 -8.21 24.48
N ASN B 115 15.82 -7.75 24.13
CA ASN B 115 16.34 -6.50 24.68
C ASN B 115 15.73 -5.27 24.01
N ASP B 116 15.61 -5.29 22.69
CA ASP B 116 15.08 -4.16 21.94
C ASP B 116 13.57 -4.03 22.10
N PRO B 117 13.03 -2.81 22.03
CA PRO B 117 11.58 -2.64 22.11
C PRO B 117 10.88 -3.19 20.88
N LEU B 118 9.67 -3.69 21.10
CA LEU B 118 8.90 -4.33 20.05
C LEU B 118 8.33 -3.29 19.09
N LYS B 119 8.47 -3.56 17.79
CA LYS B 119 8.04 -2.65 16.75
C LYS B 119 6.66 -3.03 16.25
N ILE B 120 5.82 -2.02 16.00
CA ILE B 120 4.54 -2.21 15.35
C ILE B 120 4.44 -1.27 14.15
N LYS B 121 4.17 -1.84 12.99
CA LYS B 121 3.96 -1.06 11.78
C LYS B 121 2.47 -0.74 11.64
N ARG B 122 2.17 0.20 10.75
CA ARG B 122 0.78 0.53 10.47
C ARG B 122 0.20 -0.46 9.47
N VAL B 123 -0.99 -0.14 8.98
CA VAL B 123 -1.61 -0.92 7.91
C VAL B 123 -2.15 -0.03 6.80
N HIS B 124 -2.28 1.27 7.03
CA HIS B 124 -2.77 2.18 6.01
C HIS B 124 -1.65 2.58 5.07
N ALA B 125 -1.91 3.58 4.23
CA ALA B 125 -0.92 4.16 3.34
C ALA B 125 -1.39 5.56 2.96
N ARG B 126 -0.53 6.54 3.12
CA ARG B 126 -0.86 7.93 2.84
C ARG B 126 -0.44 8.28 1.43
N MET B 127 -1.36 8.90 0.67
CA MET B 127 -0.99 9.49 -0.61
C MET B 127 -1.47 10.93 -0.63
N ALA B 128 -0.68 11.79 -1.27
CA ALA B 128 -0.91 13.23 -1.19
C ALA B 128 -0.17 13.96 -2.30
N PHE B 129 -0.73 15.11 -2.67
CA PHE B 129 -0.02 16.04 -3.53
C PHE B 129 0.94 16.87 -2.70
N THR B 130 1.89 17.49 -3.38
CA THR B 130 2.76 18.44 -2.71
C THR B 130 2.87 19.72 -3.53
N GLU B 131 2.76 19.60 -4.84
CA GLU B 131 2.95 20.74 -5.73
C GLU B 131 2.05 20.57 -6.95
N ILE B 132 1.43 21.68 -7.38
CA ILE B 132 0.33 21.65 -8.32
C ILE B 132 0.56 22.68 -9.43
N LYS B 133 1.78 23.18 -9.55
CA LYS B 133 2.06 24.37 -10.34
C LYS B 133 1.86 24.13 -11.85
N VAL B 134 1.46 25.19 -12.54
CA VAL B 134 1.09 25.15 -13.95
C VAL B 134 2.21 25.75 -14.79
N GLN B 135 2.50 25.11 -15.92
CA GLN B 135 3.48 25.63 -16.87
C GLN B 135 3.08 25.10 -18.25
N MET B 136 2.36 25.91 -19.01
CA MET B 136 1.88 25.46 -20.30
C MET B 136 3.01 25.40 -21.30
N SER B 137 2.87 24.49 -22.26
CA SER B 137 3.90 24.27 -23.27
C SER B 137 3.84 25.36 -24.33
N ALA B 138 4.61 25.18 -25.40
CA ALA B 138 4.66 26.16 -26.48
C ALA B 138 3.38 26.19 -27.30
N ALA B 139 2.58 25.14 -27.25
CA ALA B 139 1.41 25.02 -28.11
C ALA B 139 0.12 25.48 -27.43
N TYR B 140 0.18 25.93 -26.18
CA TYR B 140 -1.01 26.43 -25.52
C TYR B 140 -0.77 27.67 -24.68
N ASP B 141 0.40 28.32 -24.83
CA ASP B 141 0.78 29.42 -23.95
C ASP B 141 -0.14 30.63 -24.11
N ASN B 142 -0.55 31.20 -22.97
CA ASN B 142 -1.57 32.23 -22.78
C ASN B 142 -2.81 32.05 -23.65
N ILE B 143 -3.23 30.79 -23.83
CA ILE B 143 -4.45 30.46 -24.55
C ILE B 143 -5.42 29.69 -23.66
N TYR B 144 -4.94 28.64 -23.00
CA TYR B 144 -5.75 27.83 -22.12
C TYR B 144 -5.22 27.96 -20.69
N THR B 145 -6.13 28.06 -19.74
CA THR B 145 -5.78 28.26 -18.34
C THR B 145 -6.61 27.30 -17.48
N PHE B 146 -6.02 26.79 -16.41
CA PHE B 146 -6.66 25.80 -15.57
C PHE B 146 -6.93 26.38 -14.18
N VAL B 147 -8.08 26.03 -13.62
CA VAL B 147 -8.42 26.35 -12.24
C VAL B 147 -8.92 25.06 -11.59
N PRO B 148 -8.45 24.71 -10.39
CA PRO B 148 -8.87 23.45 -9.79
C PRO B 148 -10.05 23.58 -8.84
N GLU B 149 -10.89 22.54 -8.77
CA GLU B 149 -12.05 22.53 -7.89
C GLU B 149 -12.02 21.41 -6.87
N LYS B 150 -11.88 20.16 -7.30
CA LYS B 150 -11.90 19.01 -6.40
C LYS B 150 -10.67 18.15 -6.62
N ILE B 151 -10.38 17.30 -5.64
CA ILE B 151 -9.08 16.65 -5.56
C ILE B 151 -9.25 15.14 -5.32
N TYR B 152 -10.41 14.60 -5.71
CA TYR B 152 -10.85 13.31 -5.18
C TYR B 152 -10.05 12.14 -5.73
N GLY B 153 -9.76 11.17 -4.84
CA GLY B 153 -9.14 9.93 -5.26
C GLY B 153 -10.17 8.96 -5.80
N LEU B 154 -9.70 7.98 -6.58
CA LEU B 154 -10.61 7.25 -7.47
C LEU B 154 -10.77 5.77 -7.14
N ILE B 155 -9.70 4.98 -7.09
CA ILE B 155 -9.89 3.53 -7.18
C ILE B 155 -9.45 2.88 -5.87
N ALA B 156 -9.74 3.54 -4.75
CA ALA B 156 -9.36 3.02 -3.44
C ALA B 156 -10.10 1.73 -3.12
N LYS B 157 -9.35 0.73 -2.66
CA LYS B 157 -9.91 -0.58 -2.31
C LYS B 157 -10.68 -0.48 -1.00
N LYS B 158 -11.58 -1.44 -0.78
CA LYS B 158 -12.41 -1.41 0.41
C LYS B 158 -11.68 -2.00 1.62
N GLN B 159 -11.33 -3.28 1.56
CA GLN B 159 -10.87 -3.97 2.75
C GLN B 159 -9.56 -4.70 2.47
N SER B 160 -8.89 -5.09 3.55
CA SER B 160 -7.61 -5.78 3.48
C SER B 160 -7.41 -6.61 4.73
N ASN B 161 -6.35 -7.42 4.73
CA ASN B 161 -6.03 -8.28 5.85
C ASN B 161 -5.34 -7.48 6.95
N LEU B 162 -4.82 -8.16 7.96
CA LEU B 162 -4.11 -7.49 9.04
C LEU B 162 -2.82 -8.14 9.47
N PHE B 163 -2.55 -9.38 9.09
CA PHE B 163 -1.35 -10.08 9.53
C PHE B 163 -0.77 -10.86 8.37
N GLY B 164 0.55 -10.87 8.28
CA GLY B 164 1.25 -11.62 7.26
C GLY B 164 2.26 -10.76 6.53
N ALA B 165 2.89 -11.37 5.52
CA ALA B 165 3.91 -10.67 4.75
C ALA B 165 3.27 -9.63 3.83
N THR B 166 2.46 -10.08 2.89
CA THR B 166 1.65 -9.19 2.07
C THR B 166 0.22 -9.16 2.58
N LEU B 167 -0.54 -8.17 2.13
CA LEU B 167 -1.90 -7.96 2.59
C LEU B 167 -2.82 -7.82 1.38
N VAL B 168 -3.30 -8.95 0.87
CA VAL B 168 -4.25 -8.96 -0.23
C VAL B 168 -5.37 -9.92 0.09
N ASN B 169 -6.56 -9.60 -0.41
CA ASN B 169 -7.71 -10.49 -0.28
C ASN B 169 -8.64 -10.26 -1.46
N ALA B 170 -9.22 -11.36 -1.95
CA ALA B 170 -10.06 -11.31 -3.15
C ALA B 170 -11.45 -10.83 -2.76
N ASP B 171 -11.57 -9.53 -2.51
CA ASP B 171 -12.87 -8.88 -2.35
C ASP B 171 -12.73 -7.56 -3.10
N ALA B 172 -13.06 -7.59 -4.39
CA ALA B 172 -12.98 -6.41 -5.25
C ALA B 172 -14.25 -5.59 -5.04
N ASN B 173 -14.19 -4.65 -4.10
CA ASN B 173 -15.33 -3.82 -3.76
C ASN B 173 -14.88 -2.37 -3.60
N TYR B 174 -14.14 -1.87 -4.58
CA TYR B 174 -13.45 -0.58 -4.53
C TYR B 174 -14.41 0.59 -4.34
N LEU B 175 -13.87 1.69 -3.80
CA LEU B 175 -14.66 2.86 -3.49
C LEU B 175 -14.16 4.04 -4.30
N THR B 176 -15.05 5.00 -4.58
CA THR B 176 -14.76 6.03 -5.57
C THR B 176 -15.55 7.30 -5.25
N GLY B 177 -14.86 8.44 -5.27
CA GLY B 177 -15.52 9.72 -5.04
C GLY B 177 -15.94 10.45 -6.30
N SER B 178 -16.10 9.71 -7.39
CA SER B 178 -16.49 10.27 -8.68
C SER B 178 -17.82 9.67 -9.11
N LEU B 179 -18.21 9.94 -10.35
CA LEU B 179 -19.55 9.58 -10.81
C LEU B 179 -19.74 8.09 -11.01
N THR B 180 -18.65 7.32 -11.20
CA THR B 180 -18.66 5.87 -11.47
C THR B 180 -19.50 5.50 -12.69
N THR B 181 -19.61 6.39 -13.66
CA THR B 181 -20.40 6.15 -14.87
C THR B 181 -19.51 5.88 -16.08
N PHE B 182 -18.53 6.73 -16.33
CA PHE B 182 -17.58 6.45 -17.40
C PHE B 182 -16.72 5.25 -17.05
N ASN B 183 -16.16 4.61 -18.07
CA ASN B 183 -15.51 3.33 -17.90
C ASN B 183 -14.40 3.17 -18.94
N GLY B 184 -13.15 3.24 -18.48
CA GLY B 184 -12.00 3.08 -19.33
C GLY B 184 -11.46 1.66 -19.31
N ALA B 185 -10.20 1.53 -19.72
CA ALA B 185 -9.56 0.22 -19.65
C ALA B 185 -9.23 -0.16 -18.22
N TYR B 186 -9.03 0.82 -17.35
CA TYR B 186 -8.95 0.57 -15.92
C TYR B 186 -10.39 0.43 -15.45
N THR B 187 -10.88 -0.79 -15.53
CA THR B 187 -12.32 -1.03 -15.58
C THR B 187 -12.95 -0.91 -14.20
N PRO B 188 -14.04 -0.15 -14.08
CA PRO B 188 -14.89 -0.23 -12.88
C PRO B 188 -15.74 -1.49 -12.90
N ALA B 189 -15.59 -2.32 -11.86
CA ALA B 189 -16.37 -3.54 -11.76
C ALA B 189 -17.66 -3.33 -10.97
N ASN B 190 -17.54 -2.94 -9.69
CA ASN B 190 -18.69 -2.67 -8.84
C ASN B 190 -18.29 -1.61 -7.81
N TYR B 191 -18.54 -0.35 -8.15
CA TYR B 191 -18.03 0.76 -7.37
C TYR B 191 -19.09 1.25 -6.39
N ALA B 192 -18.82 2.38 -5.76
CA ALA B 192 -19.76 3.02 -4.85
C ALA B 192 -19.39 4.49 -4.73
N ASN B 193 -20.29 5.38 -5.12
CA ASN B 193 -20.10 6.79 -4.88
C ASN B 193 -20.19 7.03 -3.37
N VAL B 194 -19.08 7.40 -2.77
CA VAL B 194 -18.96 7.56 -1.33
C VAL B 194 -18.49 8.97 -1.04
N PRO B 195 -19.20 9.75 -0.22
CA PRO B 195 -18.84 11.16 -0.04
C PRO B 195 -17.66 11.43 0.88
N TRP B 196 -16.85 10.43 1.24
CA TRP B 196 -15.64 10.74 1.98
C TRP B 196 -14.57 11.29 1.05
N LEU B 197 -14.17 10.48 0.07
CA LEU B 197 -13.08 10.82 -0.81
C LEU B 197 -13.47 11.90 -1.81
N SER B 198 -13.65 13.13 -1.30
CA SER B 198 -13.88 14.31 -2.12
C SER B 198 -13.60 15.51 -1.23
N ARG B 199 -12.51 16.22 -1.50
CA ARG B 199 -12.18 17.41 -0.73
C ARG B 199 -12.12 18.62 -1.63
N ASN B 200 -12.53 19.77 -1.10
CA ASN B 200 -12.39 21.00 -1.84
C ASN B 200 -10.92 21.40 -1.90
N TYR B 201 -10.57 22.13 -2.95
CA TYR B 201 -9.18 22.52 -3.19
C TYR B 201 -8.82 23.66 -2.26
N VAL B 202 -7.96 23.39 -1.26
CA VAL B 202 -7.42 24.42 -0.38
C VAL B 202 -5.92 24.17 -0.25
N ALA B 203 -5.12 24.98 -0.95
CA ALA B 203 -3.70 25.27 -0.74
C ALA B 203 -2.78 24.07 -0.58
N PRO B 204 -2.49 23.33 -1.64
CA PRO B 204 -1.56 22.19 -1.50
C PRO B 204 -0.12 22.66 -1.47
N ALA B 205 0.65 22.11 -0.53
CA ALA B 205 2.01 22.56 -0.30
C ALA B 205 2.81 21.42 0.33
N ALA B 206 3.98 21.75 0.87
CA ALA B 206 4.81 20.80 1.60
C ALA B 206 4.41 20.69 3.06
N ASP B 207 3.69 21.67 3.59
CA ASP B 207 3.10 21.60 4.92
C ASP B 207 1.60 21.42 4.78
N ALA B 208 1.06 20.49 5.58
CA ALA B 208 -0.32 20.00 5.55
C ALA B 208 -0.75 19.61 4.14
N PRO B 209 -0.19 18.55 3.57
CA PRO B 209 -0.49 18.23 2.18
C PRO B 209 -1.83 17.53 2.03
N GLN B 210 -2.60 17.95 1.03
CA GLN B 210 -3.91 17.37 0.79
C GLN B 210 -3.76 15.97 0.21
N GLY B 211 -4.55 15.03 0.71
CA GLY B 211 -4.50 13.68 0.22
C GLY B 211 -5.50 12.78 0.91
N PHE B 212 -5.21 11.47 0.89
CA PHE B 212 -6.10 10.47 1.44
C PHE B 212 -5.29 9.31 2.02
N TYR B 213 -6.02 8.41 2.68
CA TYR B 213 -5.47 7.17 3.22
C TYR B 213 -6.11 6.00 2.50
N VAL B 214 -5.29 5.13 1.92
CA VAL B 214 -5.77 3.96 1.20
C VAL B 214 -5.06 2.74 1.75
N LEU B 215 -5.63 1.57 1.46
CA LEU B 215 -5.11 0.32 1.95
C LEU B 215 -4.21 -0.34 0.90
N GLU B 216 -3.79 -1.55 1.17
CA GLU B 216 -2.85 -2.25 0.29
C GLU B 216 -3.54 -2.71 -0.98
N ASN B 217 -2.87 -2.51 -2.11
CA ASN B 217 -3.39 -2.93 -3.41
C ASN B 217 -2.24 -3.42 -4.27
N ASP B 218 -2.58 -4.24 -5.27
CA ASP B 218 -1.57 -4.85 -6.13
C ASP B 218 -2.05 -4.72 -7.57
N TYR B 219 -1.25 -4.07 -8.40
CA TYR B 219 -1.52 -4.03 -9.84
C TYR B 219 -0.22 -4.18 -10.63
N SER B 220 0.68 -5.03 -10.16
CA SER B 220 2.00 -5.16 -10.77
C SER B 220 2.05 -6.19 -11.89
N ALA B 221 0.92 -6.44 -12.55
CA ALA B 221 0.89 -7.45 -13.61
C ALA B 221 1.51 -6.90 -14.89
N ASN B 222 1.61 -7.78 -15.88
CA ASN B 222 2.12 -7.43 -17.21
C ASN B 222 1.07 -7.52 -18.30
N GLY B 223 0.17 -8.51 -18.20
CA GLY B 223 -0.93 -8.63 -19.13
C GLY B 223 -2.27 -8.48 -18.41
N GLY B 224 -3.34 -8.43 -19.19
CA GLY B 224 -4.67 -8.30 -18.64
C GLY B 224 -4.93 -6.90 -18.10
N THR B 225 -6.07 -6.78 -17.43
CA THR B 225 -6.49 -5.50 -16.87
C THR B 225 -5.89 -5.30 -15.49
N ILE B 226 -5.87 -4.04 -15.05
CA ILE B 226 -5.39 -3.67 -13.73
C ILE B 226 -6.35 -2.64 -13.16
N HIS B 227 -6.16 -2.32 -11.88
CA HIS B 227 -6.96 -1.30 -11.20
C HIS B 227 -6.01 -0.42 -10.40
N PRO B 228 -5.41 0.57 -11.04
CA PRO B 228 -4.46 1.43 -10.33
C PRO B 228 -5.19 2.45 -9.47
N THR B 229 -4.66 2.67 -8.27
CA THR B 229 -5.28 3.58 -7.32
C THR B 229 -4.83 4.99 -7.63
N ILE B 230 -5.50 5.61 -8.61
CA ILE B 230 -5.04 6.91 -9.10
C ILE B 230 -5.52 8.01 -8.16
N LEU B 231 -4.94 9.20 -8.32
CA LEU B 231 -5.34 10.37 -7.55
C LEU B 231 -5.39 11.55 -8.50
N CYS B 232 -6.49 12.31 -8.50
CA CYS B 232 -6.71 13.25 -9.59
C CYS B 232 -7.13 14.61 -9.07
N VAL B 233 -7.06 15.59 -9.97
CA VAL B 233 -7.54 16.94 -9.77
C VAL B 233 -8.66 17.14 -10.78
N TYR B 234 -9.55 18.10 -10.53
CA TYR B 234 -10.73 18.28 -11.36
C TYR B 234 -11.19 19.72 -11.24
N GLY B 235 -11.56 20.32 -12.36
CA GLY B 235 -12.01 21.70 -12.32
C GLY B 235 -12.22 22.29 -13.69
N LYS B 236 -12.53 23.59 -13.71
CA LYS B 236 -12.87 24.29 -14.94
C LYS B 236 -11.63 24.59 -15.77
N LEU B 237 -11.83 24.68 -17.08
CA LEU B 237 -10.77 24.98 -18.04
C LEU B 237 -11.19 26.18 -18.86
N GLN B 238 -10.49 27.29 -18.70
CA GLN B 238 -10.87 28.54 -19.33
C GLN B 238 -10.03 28.80 -20.58
N LYS B 239 -10.62 29.52 -21.53
CA LYS B 239 -9.98 29.89 -22.78
C LYS B 239 -9.90 31.40 -22.88
N ASN B 240 -8.67 31.92 -22.90
CA ASN B 240 -8.28 33.34 -22.86
C ASN B 240 -9.15 34.18 -21.93
N GLY B 241 -9.22 33.75 -20.67
CA GLY B 241 -9.86 34.51 -19.62
C GLY B 241 -11.35 34.31 -19.47
N ALA B 242 -12.02 33.76 -20.48
CA ALA B 242 -13.45 33.53 -20.42
C ALA B 242 -13.74 32.06 -20.18
N ASP B 243 -14.98 31.77 -19.81
CA ASP B 243 -15.40 30.40 -19.58
C ASP B 243 -15.69 29.71 -20.91
N LEU B 244 -15.54 28.40 -20.92
CA LEU B 244 -15.76 27.62 -22.13
C LEU B 244 -17.25 27.43 -22.32
N ALA B 245 -17.78 27.99 -23.42
CA ALA B 245 -19.18 27.86 -23.79
C ALA B 245 -19.31 28.11 -25.28
N GLY B 246 -20.55 28.17 -25.77
CA GLY B 246 -20.84 28.62 -27.11
C GLY B 246 -20.32 27.72 -28.21
N ALA B 247 -19.36 28.23 -28.99
CA ALA B 247 -18.86 27.54 -30.16
C ALA B 247 -17.48 26.93 -29.93
N ASP B 248 -17.20 26.51 -28.70
CA ASP B 248 -15.94 25.81 -28.45
C ASP B 248 -16.08 24.56 -27.59
N LEU B 249 -17.25 24.29 -27.00
CA LEU B 249 -17.46 23.00 -26.34
C LEU B 249 -17.46 21.87 -27.35
N ALA B 250 -18.13 22.07 -28.49
CA ALA B 250 -18.16 21.05 -29.53
C ALA B 250 -16.80 20.88 -30.18
N ALA B 251 -15.99 21.94 -30.20
CA ALA B 251 -14.63 21.82 -30.71
C ALA B 251 -13.74 21.06 -29.73
N ALA B 252 -13.95 21.31 -28.43
CA ALA B 252 -13.09 20.68 -27.43
C ALA B 252 -13.45 19.22 -27.21
N GLN B 253 -14.72 18.87 -27.36
CA GLN B 253 -15.16 17.51 -27.02
C GLN B 253 -14.63 16.48 -28.02
N ALA B 254 -14.37 16.90 -29.26
CA ALA B 254 -13.79 15.97 -30.22
C ALA B 254 -12.34 15.66 -29.90
N ALA B 255 -11.65 16.57 -29.22
CA ALA B 255 -10.30 16.33 -28.75
C ALA B 255 -10.26 15.60 -27.42
N ASN B 256 -11.43 15.29 -26.85
CA ASN B 256 -11.59 14.55 -25.59
C ASN B 256 -10.88 15.24 -24.43
N TRP B 257 -11.31 16.46 -24.14
CA TRP B 257 -10.79 17.21 -23.01
C TRP B 257 -11.85 17.45 -21.94
N VAL B 258 -12.97 18.06 -22.31
CA VAL B 258 -13.85 18.75 -21.38
C VAL B 258 -15.20 18.06 -21.35
N ASP B 259 -15.76 17.91 -20.15
CA ASP B 259 -17.11 17.35 -19.99
C ASP B 259 -18.16 18.38 -20.40
N ALA B 260 -19.44 17.98 -20.30
CA ALA B 260 -20.53 18.78 -20.82
C ALA B 260 -20.76 20.07 -20.05
N GLU B 261 -20.27 20.16 -18.82
CA GLU B 261 -20.46 21.38 -18.03
C GLU B 261 -19.37 22.40 -18.31
N GLY B 262 -18.12 21.96 -18.44
CA GLY B 262 -17.02 22.88 -18.58
C GLY B 262 -15.81 22.43 -17.80
N LYS B 263 -15.89 21.23 -17.22
CA LYS B 263 -14.86 20.74 -16.33
C LYS B 263 -13.95 19.74 -17.03
N THR B 264 -12.84 19.43 -16.36
CA THR B 264 -11.85 18.47 -16.85
C THR B 264 -11.10 17.86 -15.68
N TYR B 265 -10.41 16.76 -15.97
CA TYR B 265 -9.73 15.94 -14.98
C TYR B 265 -8.21 15.96 -15.21
N TYR B 266 -7.49 15.52 -14.18
CA TYR B 266 -6.03 15.46 -14.21
C TYR B 266 -5.59 14.31 -13.32
N PRO B 267 -5.44 13.12 -13.88
CA PRO B 267 -5.10 11.96 -13.05
C PRO B 267 -3.60 11.72 -12.94
N VAL B 268 -3.20 11.19 -11.80
CA VAL B 268 -1.83 10.75 -11.56
C VAL B 268 -1.89 9.33 -11.02
N LEU B 269 -1.21 8.41 -11.69
CA LEU B 269 -1.10 7.03 -11.23
C LEU B 269 0.10 6.96 -10.30
N VAL B 270 -0.16 6.90 -8.99
CA VAL B 270 0.93 6.94 -8.02
C VAL B 270 1.66 5.62 -8.03
N ASN B 271 3.00 5.69 -8.16
CA ASN B 271 3.93 4.57 -8.13
C ASN B 271 3.62 3.56 -9.25
N PHE B 272 3.80 4.03 -10.48
CA PHE B 272 3.36 3.28 -11.64
C PHE B 272 4.47 2.93 -12.64
N ASN B 273 5.58 3.68 -12.66
CA ASN B 273 6.71 3.49 -13.58
C ASN B 273 6.27 3.60 -15.04
N SER B 274 5.91 4.82 -15.41
CA SER B 274 5.75 5.20 -16.81
C SER B 274 6.81 6.23 -17.18
N ASN B 275 6.84 6.58 -18.46
CA ASN B 275 7.87 7.49 -18.98
C ASN B 275 7.69 8.92 -18.49
N ASN B 276 6.48 9.30 -18.10
CA ASN B 276 6.24 10.62 -17.55
C ASN B 276 6.78 10.76 -16.14
N TYR B 277 6.97 9.65 -15.44
CA TYR B 277 7.35 9.67 -14.03
C TYR B 277 8.84 9.45 -13.88
N THR B 278 9.43 10.18 -12.94
CA THR B 278 10.80 9.97 -12.50
C THR B 278 10.80 9.81 -11.00
N TYR B 279 11.93 9.39 -10.45
CA TYR B 279 12.05 9.17 -9.01
C TYR B 279 13.41 9.62 -8.52
N ASP B 280 13.44 10.18 -7.32
CA ASP B 280 14.68 10.60 -6.70
C ASP B 280 15.14 9.57 -5.68
N SER B 281 16.38 9.75 -5.22
CA SER B 281 17.01 8.97 -4.15
C SER B 281 17.12 7.49 -4.52
N ASN B 282 17.35 7.22 -5.81
CA ASN B 282 17.74 5.90 -6.34
C ASN B 282 16.69 4.82 -6.08
N TYR B 283 15.42 5.20 -6.15
CA TYR B 283 14.33 4.27 -5.90
C TYR B 283 13.88 3.66 -7.22
N THR B 284 14.17 2.39 -7.42
CA THR B 284 13.55 1.68 -8.53
C THR B 284 12.10 1.40 -8.17
N PRO B 285 11.14 1.84 -8.99
CA PRO B 285 9.73 1.72 -8.59
C PRO B 285 9.17 0.32 -8.80
N LYS B 286 8.58 -0.22 -7.74
CA LYS B 286 7.77 -1.42 -7.86
C LYS B 286 6.34 -1.01 -8.17
N ASN B 287 5.60 -1.89 -8.83
CA ASN B 287 4.33 -1.52 -9.43
C ASN B 287 3.15 -1.91 -8.53
N LYS B 288 3.34 -1.76 -7.22
CA LYS B 288 2.27 -1.95 -6.26
C LYS B 288 2.26 -0.81 -5.24
N ILE B 289 1.43 -0.92 -4.21
CA ILE B 289 1.43 0.03 -3.11
C ILE B 289 1.48 -0.76 -1.81
N GLU B 290 2.44 -0.45 -0.95
CA GLU B 290 2.70 -1.21 0.25
C GLU B 290 2.45 -0.35 1.48
N ARG B 291 2.28 -1.02 2.62
CA ARG B 291 1.93 -0.33 3.85
C ARG B 291 3.13 0.43 4.41
N ASN B 292 2.84 1.45 5.20
CA ASN B 292 3.81 2.36 5.81
C ASN B 292 4.68 3.03 4.75
N HIS B 293 4.03 3.82 3.89
CA HIS B 293 4.74 4.58 2.87
C HIS B 293 4.00 5.89 2.63
N LYS B 294 4.78 6.97 2.51
CA LYS B 294 4.24 8.31 2.35
C LYS B 294 4.37 8.72 0.89
N TYR B 295 3.41 8.30 0.08
CA TYR B 295 3.44 8.62 -1.35
C TYR B 295 3.02 10.07 -1.54
N ASP B 296 3.98 10.97 -1.57
CA ASP B 296 3.72 12.37 -1.89
C ASP B 296 4.28 12.69 -3.27
N ILE B 297 3.47 13.32 -4.11
CA ILE B 297 3.79 13.48 -5.52
C ILE B 297 3.73 14.95 -5.90
N LYS B 298 4.58 15.34 -6.85
CA LYS B 298 4.61 16.68 -7.41
C LYS B 298 4.44 16.57 -8.91
N LEU B 299 3.35 17.09 -9.45
CA LEU B 299 3.08 17.02 -10.87
C LEU B 299 3.15 18.42 -11.49
N THR B 300 3.33 18.43 -12.80
CA THR B 300 3.38 19.66 -13.58
C THR B 300 2.29 19.63 -14.64
N ILE B 301 1.58 20.74 -14.79
CA ILE B 301 0.47 20.84 -15.72
C ILE B 301 0.99 21.38 -17.04
N THR B 302 0.94 20.56 -18.08
CA THR B 302 1.40 20.92 -19.42
C THR B 302 0.27 20.57 -20.38
N GLY B 303 -0.43 21.59 -20.87
CA GLY B 303 -1.58 21.37 -21.73
C GLY B 303 -2.84 21.17 -20.91
N PRO B 304 -3.96 20.98 -21.59
CA PRO B 304 -5.23 20.77 -20.89
C PRO B 304 -5.33 19.34 -20.39
N GLY B 305 -6.40 19.07 -19.64
CA GLY B 305 -6.61 17.77 -19.03
C GLY B 305 -7.24 16.74 -19.94
N THR B 306 -8.16 15.94 -19.39
CA THR B 306 -8.83 14.92 -20.18
C THR B 306 -10.17 14.57 -19.54
N ASN B 307 -11.08 14.09 -20.37
CA ASN B 307 -12.25 13.37 -19.90
C ASN B 307 -11.87 11.94 -19.59
N ASN B 308 -12.73 11.27 -18.81
CA ASN B 308 -12.67 9.86 -18.47
C ASN B 308 -11.34 9.55 -17.80
N PRO B 309 -11.13 9.97 -16.54
CA PRO B 309 -9.80 9.89 -15.94
C PRO B 309 -9.31 8.49 -15.66
N GLU B 310 -10.13 7.46 -15.85
CA GLU B 310 -9.68 6.09 -15.73
C GLU B 310 -9.22 5.51 -17.07
N ASN B 311 -9.05 6.34 -18.09
CA ASN B 311 -8.42 5.92 -19.32
C ASN B 311 -6.93 5.72 -19.08
N PRO B 312 -6.26 4.90 -19.90
CA PRO B 312 -4.82 4.74 -19.75
C PRO B 312 -4.05 6.02 -20.07
N ILE B 313 -2.96 6.23 -19.34
CA ILE B 313 -2.15 7.42 -19.50
C ILE B 313 -1.36 7.33 -20.81
N THR B 314 -1.09 8.47 -21.41
CA THR B 314 -0.31 8.55 -22.64
C THR B 314 1.12 8.92 -22.31
N GLU B 315 2.06 8.12 -22.80
CA GLU B 315 3.46 8.25 -22.47
C GLU B 315 4.16 9.21 -23.43
N SER B 316 5.15 9.93 -22.90
CA SER B 316 5.81 10.98 -23.65
C SER B 316 6.95 10.41 -24.49
N ALA B 317 7.49 11.25 -25.36
CA ALA B 317 8.58 10.89 -26.27
C ALA B 317 9.28 12.18 -26.69
N HIS B 318 10.16 12.07 -27.68
CA HIS B 318 10.87 13.23 -28.21
C HIS B 318 11.10 13.07 -29.70
N LEU B 319 11.22 14.19 -30.39
CA LEU B 319 11.42 14.21 -31.82
C LEU B 319 12.49 15.23 -32.17
N ASN B 320 13.04 15.09 -33.38
CA ASN B 320 14.04 16.00 -33.93
C ASN B 320 14.07 15.83 -35.44
N VAL B 321 14.32 16.93 -36.14
CA VAL B 321 14.07 17.02 -37.57
C VAL B 321 15.32 17.51 -38.32
N GLN B 322 15.40 17.14 -39.59
CA GLN B 322 16.46 17.57 -40.49
C GLN B 322 15.95 17.44 -41.91
N CYS B 323 16.16 18.48 -42.72
CA CYS B 323 15.55 18.55 -44.03
C CYS B 323 16.52 19.18 -45.03
N THR B 324 16.17 19.09 -46.32
CA THR B 324 17.00 19.61 -47.40
C THR B 324 16.18 20.45 -48.36
N VAL B 325 16.85 21.41 -48.97
CA VAL B 325 16.20 22.32 -49.92
C VAL B 325 16.24 21.69 -51.31
N ALA B 326 15.12 21.78 -52.02
CA ALA B 326 15.02 21.13 -53.31
C ALA B 326 15.78 21.91 -54.38
N GLU B 327 15.94 21.26 -55.54
CA GLU B 327 16.60 21.86 -56.69
C GLU B 327 15.60 22.56 -57.59
N TRP B 328 16.09 23.56 -58.32
CA TRP B 328 15.28 24.27 -59.30
C TRP B 328 15.05 23.41 -60.53
N VAL B 329 14.25 23.92 -61.46
CA VAL B 329 14.00 23.28 -62.74
C VAL B 329 14.23 24.31 -63.83
N LEU B 330 15.09 23.98 -64.80
CA LEU B 330 15.44 24.87 -65.90
C LEU B 330 14.59 24.54 -67.12
N VAL B 331 14.23 25.56 -67.89
CA VAL B 331 13.55 25.39 -69.18
C VAL B 331 14.29 26.11 -70.31
N GLY B 332 14.59 27.40 -70.13
CA GLY B 332 15.29 28.14 -71.16
C GLY B 332 14.46 28.44 -72.40
N GLN B 333 13.49 29.35 -72.28
CA GLN B 333 12.58 29.66 -73.38
C GLN B 333 13.18 30.74 -74.27
N ASN B 334 13.70 30.36 -75.43
CA ASN B 334 14.24 31.34 -76.37
C ASN B 334 13.14 31.81 -77.31
N ALA B 335 13.01 33.12 -77.44
CA ALA B 335 11.92 33.74 -78.19
C ALA B 335 12.47 34.54 -79.36
N THR B 336 11.55 34.98 -80.21
CA THR B 336 11.86 35.89 -81.30
C THR B 336 10.64 36.75 -81.57
N TRP B 337 10.88 37.96 -82.05
CA TRP B 337 9.78 38.87 -82.32
C TRP B 337 9.54 38.95 -83.82
N ALA C 1 -20.91 -38.58 61.01
CA ALA C 1 -20.28 -37.68 61.97
C ALA C 1 -18.94 -37.20 61.45
N PHE C 2 -18.96 -36.23 60.54
CA PHE C 2 -17.74 -35.72 59.94
C PHE C 2 -17.20 -34.51 60.68
N GLY C 3 -17.06 -34.62 61.99
CA GLY C 3 -16.45 -33.56 62.77
C GLY C 3 -17.44 -32.57 63.32
N VAL C 4 -17.75 -32.67 64.60
CA VAL C 4 -18.63 -31.71 65.25
C VAL C 4 -17.80 -30.99 66.32
N GLY C 5 -16.85 -31.72 66.89
CA GLY C 5 -16.07 -31.21 67.99
C GLY C 5 -16.01 -32.25 69.10
N ASP C 6 -16.92 -33.20 69.03
CA ASP C 6 -17.07 -34.25 70.04
C ASP C 6 -16.95 -35.66 69.48
N ASP C 7 -17.44 -35.90 68.27
CA ASP C 7 -17.40 -37.25 67.71
C ASP C 7 -16.03 -37.64 67.20
N GLU C 8 -15.08 -36.71 67.16
CA GLU C 8 -13.75 -37.00 66.66
C GLU C 8 -12.69 -37.10 67.74
N SER C 9 -12.95 -36.55 68.92
CA SER C 9 -12.07 -36.69 70.07
C SER C 9 -12.89 -37.34 71.18
N LYS C 10 -12.99 -38.66 71.14
CA LYS C 10 -13.78 -39.39 72.12
C LYS C 10 -13.20 -40.81 72.18
N VAL C 11 -12.51 -41.11 73.28
CA VAL C 11 -11.79 -42.36 73.39
C VAL C 11 -12.78 -43.51 73.58
N ALA C 12 -12.68 -44.53 72.73
CA ALA C 12 -13.52 -45.71 72.83
C ALA C 12 -12.86 -46.85 73.59
N LYS C 13 -11.54 -46.89 73.62
CA LYS C 13 -10.80 -47.90 74.39
C LYS C 13 -9.39 -47.37 74.62
N LEU C 14 -9.02 -47.19 75.88
CA LEU C 14 -7.72 -46.63 76.26
C LEU C 14 -6.90 -47.77 76.85
N THR C 15 -6.10 -48.42 76.01
CA THR C 15 -5.26 -49.53 76.44
C THR C 15 -3.96 -48.99 77.01
N VAL C 16 -3.58 -49.47 78.18
CA VAL C 16 -2.38 -49.02 78.88
C VAL C 16 -1.61 -50.24 79.38
N MET C 17 -0.29 -50.23 79.18
CA MET C 17 0.48 -51.40 79.56
C MET C 17 1.90 -51.00 79.96
N VAL C 18 2.54 -51.91 80.70
CA VAL C 18 3.80 -51.67 81.36
C VAL C 18 4.80 -52.74 80.94
N TYR C 19 6.08 -52.47 81.22
CA TYR C 19 7.17 -53.34 80.81
C TYR C 19 8.32 -53.20 81.81
N ASN C 20 8.99 -54.30 82.13
CA ASN C 20 10.20 -54.26 82.95
C ASN C 20 11.44 -54.61 82.14
N GLY C 21 11.35 -54.54 80.82
CA GLY C 21 12.42 -54.97 79.97
C GLY C 21 12.01 -56.20 79.19
N GLU C 22 11.66 -55.98 77.91
CA GLU C 22 11.48 -57.00 76.87
C GLU C 22 10.31 -57.95 77.07
N GLN C 23 9.60 -57.88 78.19
CA GLN C 23 8.44 -58.72 78.44
C GLN C 23 7.37 -57.90 79.13
N GLN C 24 6.10 -58.23 78.88
CA GLN C 24 4.99 -57.48 79.44
C GLN C 24 4.85 -57.77 80.93
N GLU C 25 4.10 -56.92 81.61
CA GLU C 25 3.83 -57.16 83.02
C GLU C 25 2.34 -57.07 83.37
N ALA C 26 1.60 -56.15 82.77
CA ALA C 26 0.20 -55.96 83.12
C ALA C 26 -0.51 -55.21 82.01
N ILE C 27 -1.81 -55.46 81.89
CA ILE C 27 -2.66 -54.80 80.90
C ILE C 27 -4.11 -54.86 81.38
N LYS C 28 -4.81 -53.73 81.29
CA LYS C 28 -6.24 -53.68 81.57
C LYS C 28 -6.82 -52.47 80.87
N SER C 29 -7.89 -52.67 80.11
CA SER C 29 -8.47 -51.63 79.27
C SER C 29 -9.85 -51.24 79.79
N ALA C 30 -10.19 -49.95 79.60
CA ALA C 30 -11.47 -49.40 80.01
C ALA C 30 -12.07 -48.61 78.85
N GLU C 31 -13.40 -48.58 78.80
CA GLU C 31 -14.10 -48.05 77.64
C GLU C 31 -14.87 -46.79 77.99
N ASN C 32 -14.90 -45.86 77.03
CA ASN C 32 -15.73 -44.65 77.04
C ASN C 32 -15.41 -43.72 78.20
N ALA C 33 -14.15 -43.72 78.63
CA ALA C 33 -13.66 -42.77 79.62
C ALA C 33 -12.16 -42.63 79.45
N THR C 34 -11.60 -41.59 80.04
CA THR C 34 -10.18 -41.31 79.94
C THR C 34 -9.42 -41.76 81.19
N LYS C 35 -9.83 -42.85 81.83
CA LYS C 35 -9.20 -43.31 83.06
C LYS C 35 -9.13 -44.82 83.07
N VAL C 36 -8.20 -45.34 83.88
CA VAL C 36 -8.10 -46.76 84.19
C VAL C 36 -7.83 -46.87 85.70
N GLU C 37 -8.18 -48.02 86.26
CA GLU C 37 -8.30 -48.13 87.72
C GLU C 37 -7.30 -49.08 88.36
N ASP C 38 -7.24 -50.34 87.94
CA ASP C 38 -6.64 -51.36 88.79
C ASP C 38 -5.55 -52.15 88.06
N ILE C 39 -4.60 -51.43 87.46
CA ILE C 39 -3.37 -52.07 87.06
C ILE C 39 -2.62 -52.51 88.30
N LYS C 40 -2.04 -53.70 88.27
CA LYS C 40 -1.15 -54.15 89.34
C LYS C 40 0.19 -54.58 88.76
N CYS C 41 1.27 -54.21 89.43
CA CYS C 41 2.60 -54.39 88.89
C CYS C 41 3.63 -54.32 90.01
N SER C 42 4.86 -54.68 89.67
CA SER C 42 5.97 -54.71 90.61
C SER C 42 6.60 -53.32 90.70
N ALA C 43 7.77 -53.24 91.32
CA ALA C 43 8.48 -51.98 91.53
C ALA C 43 9.82 -52.01 90.82
N GLY C 44 10.37 -50.83 90.59
CA GLY C 44 11.67 -50.72 89.95
C GLY C 44 11.66 -49.98 88.63
N GLN C 45 12.67 -50.23 87.80
CA GLN C 45 12.78 -49.57 86.50
C GLN C 45 11.80 -50.20 85.52
N ARG C 46 10.97 -49.36 84.89
CA ARG C 46 9.91 -49.85 84.02
C ARG C 46 9.85 -49.07 82.71
N THR C 47 8.77 -49.28 81.95
CA THR C 47 8.58 -48.65 80.65
C THR C 47 7.09 -48.73 80.33
N LEU C 48 6.46 -47.57 80.13
CA LEU C 48 5.01 -47.47 80.04
C LEU C 48 4.61 -47.03 78.64
N VAL C 49 3.67 -47.75 78.03
CA VAL C 49 3.10 -47.31 76.75
C VAL C 49 1.58 -47.31 76.86
N VAL C 50 0.95 -46.47 76.05
CA VAL C 50 -0.50 -46.30 76.10
C VAL C 50 -1.05 -45.94 74.72
N MET C 51 -1.97 -46.76 74.23
CA MET C 51 -2.64 -46.52 72.97
C MET C 51 -4.11 -46.25 73.23
N ALA C 52 -4.77 -45.65 72.26
CA ALA C 52 -6.15 -45.23 72.47
C ALA C 52 -6.94 -45.37 71.17
N ASN C 53 -8.21 -45.74 71.32
CA ASN C 53 -9.17 -45.91 70.22
C ASN C 53 -8.67 -46.92 69.19
N THR C 54 -7.98 -47.95 69.68
CA THR C 54 -7.49 -48.98 68.78
C THR C 54 -8.62 -49.83 68.25
N GLY C 55 -9.56 -50.21 69.10
CA GLY C 55 -10.64 -51.07 68.68
C GLY C 55 -10.20 -52.51 68.54
N ALA C 56 -10.74 -53.20 67.53
CA ALA C 56 -10.46 -54.62 67.36
C ALA C 56 -9.05 -54.83 66.83
N MET C 57 -8.09 -54.99 67.74
CA MET C 57 -6.72 -55.32 67.38
C MET C 57 -6.08 -56.02 68.57
N GLU C 58 -5.39 -57.12 68.31
CA GLU C 58 -4.73 -57.85 69.38
C GLU C 58 -3.55 -57.05 69.91
N LEU C 59 -3.36 -57.09 71.23
CA LEU C 59 -2.24 -56.37 71.81
C LEU C 59 -1.63 -57.08 73.00
N VAL C 60 -2.08 -58.28 73.34
CA VAL C 60 -1.49 -59.02 74.44
C VAL C 60 -0.39 -59.93 73.91
N GLY C 61 0.50 -60.37 74.80
CA GLY C 61 1.53 -61.32 74.48
C GLY C 61 2.81 -60.74 73.90
N LYS C 62 2.71 -59.65 73.15
CA LYS C 62 3.85 -59.14 72.42
C LYS C 62 4.81 -58.41 73.35
N THR C 63 6.00 -58.12 72.84
CA THR C 63 7.11 -57.60 73.62
C THR C 63 7.29 -56.11 73.37
N LEU C 64 8.37 -55.56 73.94
CA LEU C 64 8.73 -54.17 73.66
C LEU C 64 9.26 -54.02 72.24
N ALA C 65 9.93 -55.05 71.73
CA ALA C 65 10.49 -54.98 70.38
C ALA C 65 9.41 -54.99 69.32
N GLU C 66 8.42 -55.87 69.46
CA GLU C 66 7.38 -55.97 68.45
C GLU C 66 6.39 -54.81 68.51
N VAL C 67 6.24 -54.17 69.67
CA VAL C 67 5.23 -53.12 69.79
C VAL C 67 5.72 -51.81 69.21
N LYS C 68 7.03 -51.66 68.99
CA LYS C 68 7.56 -50.44 68.41
C LYS C 68 7.59 -50.48 66.89
N ALA C 69 6.89 -51.42 66.27
CA ALA C 69 6.87 -51.52 64.82
C ALA C 69 5.49 -51.88 64.29
N LEU C 70 4.44 -51.46 64.98
CA LEU C 70 3.09 -51.81 64.56
C LEU C 70 2.60 -50.87 63.47
N THR C 71 1.93 -51.43 62.47
CA THR C 71 1.47 -50.71 61.30
C THR C 71 -0.04 -50.76 61.21
N THR C 72 -0.67 -49.64 60.88
CA THR C 72 -2.09 -49.57 60.65
C THR C 72 -2.39 -49.10 59.24
N GLU C 73 -3.47 -49.64 58.68
CA GLU C 73 -3.97 -49.22 57.38
C GLU C 73 -5.36 -48.65 57.54
N LEU C 74 -5.64 -47.56 56.82
CA LEU C 74 -6.93 -46.90 56.95
C LEU C 74 -8.03 -47.75 56.31
N THR C 75 -9.19 -47.73 56.94
CA THR C 75 -10.33 -48.54 56.50
C THR C 75 -11.45 -47.62 56.04
N ALA C 76 -12.50 -48.23 55.50
CA ALA C 76 -13.67 -47.48 55.08
C ALA C 76 -14.44 -46.95 56.27
N GLU C 77 -14.30 -47.54 57.45
CA GLU C 77 -15.03 -47.09 58.62
C GLU C 77 -14.46 -45.80 59.22
N ASN C 78 -13.34 -45.29 58.71
CA ASN C 78 -12.73 -44.09 59.24
C ASN C 78 -13.24 -42.83 58.58
N GLN C 79 -14.43 -42.87 57.97
CA GLN C 79 -14.98 -41.68 57.37
C GLN C 79 -16.13 -41.08 58.18
N GLU C 80 -16.51 -41.72 59.28
CA GLU C 80 -17.46 -41.15 60.23
C GLU C 80 -16.80 -40.93 61.59
N ALA C 81 -15.49 -40.65 61.57
CA ALA C 81 -14.66 -40.37 62.76
C ALA C 81 -14.69 -41.51 63.78
N ALA C 82 -14.78 -42.73 63.28
CA ALA C 82 -14.75 -43.93 64.11
C ALA C 82 -13.54 -44.76 63.72
N GLY C 83 -12.57 -44.85 64.60
CA GLY C 83 -11.35 -45.58 64.30
C GLY C 83 -10.14 -44.69 64.11
N LEU C 84 -10.05 -43.63 64.90
CA LEU C 84 -8.91 -42.72 64.87
C LEU C 84 -7.91 -43.20 65.91
N ILE C 85 -6.83 -43.84 65.46
CA ILE C 85 -5.88 -44.46 66.37
C ILE C 85 -5.03 -43.39 67.04
N MET C 86 -4.99 -43.43 68.36
CA MET C 86 -4.35 -42.40 69.17
C MET C 86 -3.29 -43.04 70.06
N THR C 87 -2.05 -42.54 70.00
CA THR C 87 -0.95 -43.17 70.71
C THR C 87 -0.01 -42.13 71.30
N ALA C 88 0.99 -42.61 72.03
CA ALA C 88 1.91 -41.76 72.78
C ALA C 88 3.31 -42.33 72.61
N GLU C 89 4.24 -41.86 73.44
CA GLU C 89 5.63 -42.28 73.38
C GLU C 89 6.04 -42.98 74.67
N PRO C 90 6.97 -43.94 74.60
CA PRO C 90 7.45 -44.59 75.83
C PRO C 90 8.25 -43.62 76.68
N LYS C 91 8.14 -43.76 78.00
CA LYS C 91 8.69 -42.72 78.86
C LYS C 91 9.37 -43.24 80.12
N THR C 92 9.89 -44.48 80.10
CA THR C 92 10.85 -45.11 81.03
C THR C 92 10.77 -44.73 82.51
N ILE C 93 9.58 -44.83 83.09
CA ILE C 93 9.37 -44.34 84.46
C ILE C 93 9.89 -45.35 85.48
N VAL C 94 10.14 -44.86 86.69
CA VAL C 94 10.48 -45.70 87.82
C VAL C 94 9.22 -45.92 88.65
N LEU C 95 9.28 -46.83 89.61
CA LEU C 95 8.07 -47.25 90.29
C LEU C 95 8.36 -47.62 91.73
N LYS C 96 7.77 -46.87 92.67
CA LYS C 96 7.86 -47.16 94.09
C LYS C 96 6.78 -48.15 94.49
N ALA C 97 7.11 -49.03 95.44
CA ALA C 97 6.35 -50.25 95.66
C ALA C 97 5.02 -50.03 96.36
N GLY C 98 4.84 -48.94 97.11
CA GLY C 98 3.66 -48.79 97.92
C GLY C 98 2.38 -48.53 97.14
N LYS C 99 2.25 -47.33 96.57
CA LYS C 99 1.13 -46.95 95.71
C LYS C 99 1.46 -45.66 94.99
N ASN C 100 1.35 -45.63 93.67
CA ASN C 100 1.67 -44.44 92.91
C ASN C 100 0.86 -44.41 91.62
N TYR C 101 0.58 -43.21 91.14
CA TYR C 101 -0.16 -43.08 89.90
C TYR C 101 0.27 -41.84 89.13
N ILE C 102 -0.18 -41.78 87.87
CA ILE C 102 0.20 -40.75 86.92
C ILE C 102 -1.05 -40.04 86.43
N GLY C 103 -1.09 -38.73 86.62
CA GLY C 103 -2.26 -37.92 86.33
C GLY C 103 -2.89 -37.36 87.60
N TYR C 104 -3.58 -36.23 87.41
CA TYR C 104 -4.28 -35.43 88.43
C TYR C 104 -3.49 -35.18 89.71
N SER C 105 -2.42 -34.40 89.62
CA SER C 105 -1.67 -34.03 90.82
C SER C 105 -2.52 -33.16 91.76
N GLY C 106 -2.62 -33.59 93.01
CA GLY C 106 -3.35 -32.87 94.03
C GLY C 106 -4.78 -33.35 94.23
N THR C 107 -5.00 -34.66 94.13
CA THR C 107 -6.32 -35.23 94.35
C THR C 107 -6.36 -36.24 95.48
N GLY C 108 -5.48 -37.23 95.47
CA GLY C 108 -5.52 -38.27 96.48
C GLY C 108 -4.22 -38.47 97.25
N GLU C 109 -4.10 -39.62 97.90
CA GLU C 109 -2.92 -39.94 98.70
C GLU C 109 -1.82 -40.50 97.78
N GLY C 110 -0.79 -41.09 98.39
CA GLY C 110 0.27 -41.66 97.59
C GLY C 110 1.19 -40.58 97.03
N ASN C 111 1.91 -40.94 95.97
CA ASN C 111 2.78 -40.01 95.28
C ASN C 111 2.48 -40.03 93.79
N HIS C 112 2.43 -38.85 93.20
CA HIS C 112 2.34 -38.76 91.75
C HIS C 112 3.72 -38.97 91.15
N ILE C 113 3.75 -39.39 89.89
CA ILE C 113 4.99 -39.60 89.16
C ILE C 113 5.21 -38.55 88.09
N GLU C 114 4.23 -38.37 87.21
CA GLU C 114 4.25 -37.28 86.26
C GLU C 114 3.12 -36.31 86.59
N ASN C 115 3.46 -35.02 86.65
CA ASN C 115 2.54 -34.04 87.23
C ASN C 115 1.37 -33.74 86.30
N ASP C 116 1.67 -33.39 85.05
CA ASP C 116 0.63 -33.09 84.09
C ASP C 116 -0.06 -34.38 83.63
N PRO C 117 -1.31 -34.30 83.17
CA PRO C 117 -1.95 -35.47 82.57
C PRO C 117 -1.26 -35.83 81.26
N LEU C 118 -1.13 -37.14 81.03
CA LEU C 118 -0.37 -37.65 79.89
C LEU C 118 -1.10 -37.35 78.60
N LYS C 119 -0.36 -36.86 77.60
CA LYS C 119 -0.97 -36.40 76.36
C LYS C 119 -0.72 -37.40 75.24
N ILE C 120 -1.64 -37.43 74.28
CA ILE C 120 -1.74 -38.49 73.28
C ILE C 120 -2.03 -37.84 71.94
N LYS C 121 -1.15 -38.06 70.97
CA LYS C 121 -1.43 -37.65 69.60
C LYS C 121 -2.15 -38.76 68.85
N ARG C 122 -2.73 -38.42 67.72
CA ARG C 122 -3.28 -39.42 66.81
C ARG C 122 -2.29 -39.64 65.67
N VAL C 123 -2.70 -40.42 64.68
CA VAL C 123 -1.86 -40.66 63.52
C VAL C 123 -2.48 -40.18 62.22
N HIS C 124 -3.78 -39.94 62.18
CA HIS C 124 -4.41 -39.54 60.94
C HIS C 124 -4.19 -38.05 60.70
N ALA C 125 -4.64 -37.60 59.52
CA ALA C 125 -4.56 -36.19 59.17
C ALA C 125 -5.70 -35.88 58.22
N ARG C 126 -6.49 -34.87 58.56
CA ARG C 126 -7.67 -34.54 57.78
C ARG C 126 -7.36 -33.49 56.72
N MET C 127 -7.86 -33.72 55.50
CA MET C 127 -7.76 -32.72 54.45
C MET C 127 -9.13 -32.49 53.85
N ALA C 128 -9.52 -31.23 53.70
CA ALA C 128 -10.89 -30.91 53.34
C ALA C 128 -10.97 -29.56 52.65
N PHE C 129 -12.04 -29.39 51.87
CA PHE C 129 -12.35 -28.15 51.18
C PHE C 129 -13.13 -27.23 52.09
N THR C 130 -13.01 -25.95 51.83
CA THR C 130 -13.86 -25.02 52.55
C THR C 130 -14.58 -24.01 51.66
N GLU C 131 -13.94 -23.52 50.58
CA GLU C 131 -14.59 -22.57 49.68
C GLU C 131 -14.21 -22.87 48.25
N ILE C 132 -15.20 -23.15 47.40
CA ILE C 132 -15.00 -23.50 46.00
C ILE C 132 -15.71 -22.45 45.15
N LYS C 133 -15.62 -21.18 45.56
CA LYS C 133 -16.15 -20.09 44.75
C LYS C 133 -15.46 -20.03 43.38
N VAL C 134 -16.21 -19.58 42.38
CA VAL C 134 -15.77 -19.58 40.99
C VAL C 134 -15.76 -18.15 40.48
N GLN C 135 -14.66 -17.75 39.85
CA GLN C 135 -14.50 -16.43 39.25
C GLN C 135 -13.71 -16.61 37.97
N MET C 136 -14.41 -16.62 36.83
CA MET C 136 -13.72 -16.79 35.56
C MET C 136 -12.90 -15.55 35.21
N SER C 137 -11.85 -15.74 34.44
CA SER C 137 -10.95 -14.67 34.06
C SER C 137 -11.54 -13.84 32.92
N ALA C 138 -10.73 -12.95 32.36
CA ALA C 138 -11.21 -12.12 31.26
C ALA C 138 -11.28 -12.91 29.97
N ALA C 139 -10.44 -13.93 29.81
CA ALA C 139 -10.38 -14.66 28.55
C ALA C 139 -11.49 -15.70 28.41
N TYR C 140 -12.25 -15.97 29.47
CA TYR C 140 -13.34 -16.93 29.35
C TYR C 140 -14.62 -16.44 30.02
N ASP C 141 -14.75 -15.14 30.25
CA ASP C 141 -15.94 -14.59 30.90
C ASP C 141 -17.14 -14.70 29.97
N ASN C 142 -18.26 -15.18 30.53
CA ASN C 142 -19.53 -15.40 29.83
C ASN C 142 -19.40 -16.36 28.64
N ILE C 143 -18.41 -17.26 28.68
CA ILE C 143 -18.21 -18.27 27.66
C ILE C 143 -18.29 -19.68 28.26
N TYR C 144 -17.57 -19.92 29.35
CA TYR C 144 -17.57 -21.21 30.03
C TYR C 144 -18.14 -21.04 31.43
N THR C 145 -18.84 -22.06 31.90
CA THR C 145 -19.48 -22.04 33.20
C THR C 145 -19.29 -23.41 33.84
N PHE C 146 -19.08 -23.44 35.15
CA PHE C 146 -18.68 -24.65 35.85
C PHE C 146 -19.72 -25.06 36.88
N VAL C 147 -19.97 -26.37 36.98
CA VAL C 147 -20.84 -26.96 37.99
C VAL C 147 -20.16 -28.21 38.54
N PRO C 148 -19.97 -28.35 39.85
CA PRO C 148 -19.25 -29.50 40.40
C PRO C 148 -20.13 -30.73 40.64
N GLU C 149 -19.52 -31.90 40.48
CA GLU C 149 -20.16 -33.17 40.85
C GLU C 149 -19.43 -33.90 41.96
N LYS C 150 -18.14 -34.18 41.80
CA LYS C 150 -17.46 -35.06 42.73
C LYS C 150 -16.21 -34.39 43.29
N ILE C 151 -15.67 -34.99 44.36
CA ILE C 151 -14.77 -34.27 45.25
C ILE C 151 -13.52 -35.09 45.58
N TYR C 152 -13.30 -36.19 44.86
CA TYR C 152 -12.42 -37.25 45.33
C TYR C 152 -10.94 -36.89 45.32
N GLY C 153 -10.21 -37.40 46.34
CA GLY C 153 -8.77 -37.26 46.42
C GLY C 153 -8.08 -38.50 45.89
N LEU C 154 -6.81 -38.36 45.50
CA LEU C 154 -6.23 -39.33 44.58
C LEU C 154 -5.08 -40.16 45.12
N ILE C 155 -4.01 -39.57 45.65
CA ILE C 155 -2.78 -40.35 45.82
C ILE C 155 -2.42 -40.50 47.31
N ALA C 156 -3.43 -40.72 48.14
CA ALA C 156 -3.19 -41.02 49.54
C ALA C 156 -2.47 -42.36 49.71
N LYS C 157 -1.62 -42.44 50.75
CA LYS C 157 -0.87 -43.64 51.05
C LYS C 157 -1.77 -44.65 51.78
N LYS C 158 -1.20 -45.78 52.19
CA LYS C 158 -2.00 -46.83 52.81
C LYS C 158 -1.59 -47.14 54.24
N GLN C 159 -0.31 -47.27 54.54
CA GLN C 159 0.09 -47.69 55.87
C GLN C 159 1.30 -46.87 56.33
N SER C 160 1.51 -46.88 57.64
CA SER C 160 2.58 -46.12 58.26
C SER C 160 3.04 -46.86 59.51
N ASN C 161 3.83 -46.18 60.33
CA ASN C 161 4.26 -46.72 61.61
C ASN C 161 3.27 -46.28 62.67
N LEU C 162 3.61 -46.52 63.94
CA LEU C 162 2.79 -46.07 65.06
C LEU C 162 3.54 -45.36 66.15
N PHE C 163 4.86 -45.49 66.21
CA PHE C 163 5.66 -44.90 67.28
C PHE C 163 6.90 -44.27 66.68
N GLY C 164 7.67 -43.60 67.52
CA GLY C 164 8.99 -43.14 67.11
C GLY C 164 9.01 -41.67 66.74
N ALA C 165 10.14 -41.28 66.14
CA ALA C 165 10.35 -39.88 65.78
C ALA C 165 9.50 -39.51 64.57
N THR C 166 9.74 -40.16 63.44
CA THR C 166 8.87 -40.04 62.29
C THR C 166 7.87 -41.18 62.30
N LEU C 167 7.03 -41.23 61.27
CA LEU C 167 6.03 -42.27 61.15
C LEU C 167 5.97 -42.90 59.79
N VAL C 168 6.71 -42.40 58.82
CA VAL C 168 6.62 -42.89 57.45
C VAL C 168 7.69 -43.96 57.24
N ASN C 169 7.31 -45.07 56.63
CA ASN C 169 8.22 -46.17 56.34
C ASN C 169 8.28 -46.39 54.83
N ALA C 170 8.95 -47.46 54.43
CA ALA C 170 9.12 -47.80 53.03
C ALA C 170 8.06 -48.80 52.64
N ASP C 171 7.01 -48.32 51.96
CA ASP C 171 5.95 -49.16 51.44
C ASP C 171 5.23 -48.41 50.33
N ALA C 172 4.65 -49.16 49.40
CA ALA C 172 3.94 -48.58 48.26
C ALA C 172 2.73 -49.46 47.96
N ASN C 173 1.59 -49.10 48.56
CA ASN C 173 0.35 -49.82 48.36
C ASN C 173 -0.81 -48.83 48.27
N TYR C 174 -0.63 -47.77 47.48
CA TYR C 174 -1.45 -46.56 47.52
C TYR C 174 -2.90 -46.83 47.10
N LEU C 175 -3.78 -45.89 47.46
CA LEU C 175 -5.21 -45.99 47.23
C LEU C 175 -5.70 -44.75 46.50
N THR C 176 -6.80 -44.91 45.77
CA THR C 176 -7.31 -43.87 44.88
C THR C 176 -8.80 -44.06 44.69
N GLY C 177 -9.57 -42.99 44.81
CA GLY C 177 -11.00 -43.06 44.56
C GLY C 177 -11.43 -42.45 43.24
N SER C 178 -10.62 -42.65 42.19
CA SER C 178 -10.91 -42.07 40.88
C SER C 178 -10.91 -43.12 39.79
N LEU C 179 -10.89 -42.66 38.53
CA LEU C 179 -10.87 -43.58 37.39
C LEU C 179 -9.54 -44.32 37.29
N THR C 180 -8.46 -43.73 37.81
CA THR C 180 -7.09 -44.28 37.97
C THR C 180 -6.50 -45.05 36.78
N THR C 181 -6.94 -44.74 35.56
CA THR C 181 -6.42 -45.41 34.40
C THR C 181 -5.18 -44.73 33.84
N PHE C 182 -5.20 -43.41 33.76
CA PHE C 182 -4.12 -42.67 33.11
C PHE C 182 -2.86 -42.66 33.95
N ASN C 183 -1.73 -42.49 33.28
CA ASN C 183 -0.44 -42.39 33.93
C ASN C 183 0.13 -40.99 33.76
N GLY C 184 0.95 -40.58 34.72
CA GLY C 184 1.62 -39.30 34.63
C GLY C 184 2.99 -39.39 35.28
N ALA C 185 3.57 -38.25 35.64
CA ALA C 185 4.83 -38.28 36.36
C ALA C 185 4.64 -38.68 37.81
N TYR C 186 3.61 -38.14 38.47
CA TYR C 186 3.32 -38.47 39.87
C TYR C 186 2.44 -39.71 39.96
N THR C 187 2.96 -40.82 39.42
CA THR C 187 2.19 -42.05 39.35
C THR C 187 3.05 -43.22 39.83
N PRO C 188 2.80 -43.75 41.01
CA PRO C 188 3.60 -44.88 41.51
C PRO C 188 3.15 -46.20 40.93
N ALA C 189 3.72 -47.30 41.40
CA ALA C 189 3.35 -48.62 40.93
C ALA C 189 2.42 -49.31 41.92
N ASN C 190 1.51 -50.11 41.37
CA ASN C 190 0.58 -50.97 42.11
C ASN C 190 -0.32 -50.17 43.05
N TYR C 191 -1.20 -49.38 42.44
CA TYR C 191 -2.29 -48.76 43.17
C TYR C 191 -3.57 -48.84 42.35
N ALA C 192 -4.67 -49.20 43.02
CA ALA C 192 -5.92 -49.53 42.33
C ALA C 192 -7.06 -48.71 42.93
N ASN C 193 -8.26 -48.94 42.39
CA ASN C 193 -9.43 -48.17 42.76
C ASN C 193 -9.98 -48.66 44.10
N VAL C 194 -10.48 -47.71 44.89
CA VAL C 194 -11.17 -47.99 46.15
C VAL C 194 -12.36 -47.02 46.25
N PRO C 195 -13.57 -47.52 46.42
CA PRO C 195 -14.76 -46.64 46.46
C PRO C 195 -15.18 -46.20 47.86
N TRP C 196 -14.25 -45.56 48.58
CA TRP C 196 -14.63 -44.83 49.79
C TRP C 196 -14.56 -43.33 49.56
N LEU C 197 -13.41 -42.87 49.06
CA LEU C 197 -13.17 -41.46 48.84
C LEU C 197 -13.89 -41.04 47.57
N SER C 198 -15.19 -40.75 47.73
CA SER C 198 -16.04 -40.23 46.67
C SER C 198 -17.29 -39.68 47.33
N ARG C 199 -17.65 -38.44 47.04
CA ARG C 199 -18.82 -37.84 47.65
C ARG C 199 -19.53 -36.96 46.64
N ASN C 200 -20.70 -36.48 47.04
CA ASN C 200 -21.46 -35.51 46.27
C ASN C 200 -20.90 -34.12 46.57
N TYR C 201 -21.61 -33.10 46.15
CA TYR C 201 -21.22 -31.71 46.40
C TYR C 201 -22.28 -31.09 47.30
N VAL C 202 -21.96 -30.96 48.58
CA VAL C 202 -22.89 -30.44 49.57
C VAL C 202 -22.26 -29.19 50.16
N ALA C 203 -22.57 -28.03 49.54
CA ALA C 203 -22.49 -26.63 50.00
C ALA C 203 -21.34 -26.32 50.95
N PRO C 204 -20.09 -26.44 50.51
CA PRO C 204 -18.97 -26.37 51.46
C PRO C 204 -18.75 -24.96 51.99
N ALA C 205 -18.81 -24.81 53.31
CA ALA C 205 -18.63 -23.52 53.96
C ALA C 205 -17.58 -23.63 55.05
N ALA C 206 -17.46 -22.60 55.88
CA ALA C 206 -16.56 -22.67 57.03
C ALA C 206 -17.05 -23.65 58.08
N ASP C 207 -18.33 -23.94 58.10
CA ASP C 207 -18.91 -24.99 58.93
C ASP C 207 -19.35 -26.14 58.04
N ALA C 208 -19.26 -27.36 58.58
CA ALA C 208 -19.58 -28.63 57.93
C ALA C 208 -18.88 -28.82 56.58
N PRO C 209 -17.56 -29.03 56.56
CA PRO C 209 -16.85 -29.14 55.28
C PRO C 209 -16.95 -30.52 54.66
N GLN C 210 -16.23 -30.76 53.57
CA GLN C 210 -16.12 -32.08 52.96
C GLN C 210 -14.67 -32.41 52.70
N GLY C 211 -14.26 -33.61 53.10
CA GLY C 211 -12.89 -34.05 52.89
C GLY C 211 -12.71 -35.49 53.27
N PHE C 212 -11.47 -35.85 53.58
CA PHE C 212 -11.12 -37.20 53.98
C PHE C 212 -10.08 -37.20 55.09
N TYR C 213 -9.79 -38.39 55.60
CA TYR C 213 -8.75 -38.64 56.58
C TYR C 213 -7.67 -39.50 55.92
N VAL C 214 -6.46 -38.96 55.81
CA VAL C 214 -5.36 -39.65 55.13
C VAL C 214 -4.16 -39.74 56.06
N LEU C 215 -3.28 -40.69 55.76
CA LEU C 215 -2.10 -40.96 56.56
C LEU C 215 -0.90 -40.20 56.04
N GLU C 216 0.29 -40.54 56.52
CA GLU C 216 1.49 -39.78 56.23
C GLU C 216 2.20 -40.28 54.97
N ASN C 217 2.95 -39.38 54.35
CA ASN C 217 3.72 -39.66 53.14
C ASN C 217 4.76 -38.57 52.96
N ASP C 218 5.94 -38.95 52.47
CA ASP C 218 7.03 -38.02 52.27
C ASP C 218 7.40 -37.94 50.79
N TYR C 219 7.53 -36.72 50.29
CA TYR C 219 7.92 -36.49 48.91
C TYR C 219 8.87 -35.31 48.82
N SER C 220 9.85 -35.25 49.71
CA SER C 220 10.71 -34.09 49.84
C SER C 220 12.01 -34.20 49.05
N ALA C 221 12.25 -35.32 48.37
CA ALA C 221 13.48 -35.48 47.60
C ALA C 221 13.45 -34.58 46.38
N ASN C 222 14.59 -33.93 46.10
CA ASN C 222 14.64 -32.90 45.08
C ASN C 222 14.58 -33.50 43.68
N GLY C 223 15.56 -34.32 43.34
CA GLY C 223 15.55 -35.01 42.07
C GLY C 223 14.68 -36.24 42.11
N GLY C 224 14.63 -36.92 40.97
CA GLY C 224 13.88 -38.16 40.89
C GLY C 224 12.38 -37.94 40.86
N THR C 225 11.66 -38.99 41.25
CA THR C 225 10.22 -38.99 41.21
C THR C 225 9.64 -38.87 42.62
N ILE C 226 8.46 -38.28 42.72
CA ILE C 226 7.77 -38.05 43.98
C ILE C 226 6.30 -38.40 43.82
N HIS C 227 5.62 -38.59 44.95
CA HIS C 227 4.22 -38.99 44.97
C HIS C 227 3.48 -38.18 46.02
N PRO C 228 2.94 -37.02 45.66
CA PRO C 228 2.21 -36.21 46.62
C PRO C 228 0.73 -36.54 46.67
N THR C 229 0.12 -36.25 47.82
CA THR C 229 -1.30 -36.50 48.01
C THR C 229 -2.08 -35.30 47.49
N ILE C 230 -3.00 -35.54 46.57
CA ILE C 230 -3.72 -34.43 45.95
C ILE C 230 -5.20 -34.57 46.27
N LEU C 231 -5.93 -33.46 46.10
CA LEU C 231 -7.36 -33.38 46.32
C LEU C 231 -7.99 -32.62 45.15
N CYS C 232 -9.13 -33.09 44.66
CA CYS C 232 -9.60 -32.65 43.36
C CYS C 232 -11.11 -32.39 43.36
N VAL C 233 -11.53 -31.57 42.40
CA VAL C 233 -12.94 -31.33 42.11
C VAL C 233 -13.19 -31.69 40.66
N TYR C 234 -14.25 -32.46 40.40
CA TYR C 234 -14.52 -33.03 39.08
C TYR C 234 -15.95 -32.68 38.67
N GLY C 235 -16.11 -32.05 37.51
CA GLY C 235 -17.45 -31.59 37.19
C GLY C 235 -17.66 -31.25 35.73
N LYS C 236 -18.91 -30.93 35.41
CA LYS C 236 -19.26 -30.54 34.05
C LYS C 236 -18.74 -29.14 33.74
N LEU C 237 -18.72 -28.81 32.45
CA LEU C 237 -18.24 -27.52 31.97
C LEU C 237 -19.08 -27.16 30.74
N GLN C 238 -20.05 -26.28 30.94
CA GLN C 238 -21.00 -25.95 29.89
C GLN C 238 -20.51 -24.73 29.10
N LYS C 239 -20.43 -24.88 27.79
CA LYS C 239 -20.01 -23.81 26.89
C LYS C 239 -21.25 -23.14 26.31
N ASN C 240 -21.31 -21.81 26.46
CA ASN C 240 -22.43 -20.91 26.17
C ASN C 240 -23.79 -21.53 26.52
N GLY C 241 -23.91 -21.93 27.78
CA GLY C 241 -25.19 -22.32 28.33
C GLY C 241 -25.50 -23.80 28.20
N ALA C 242 -25.52 -24.31 26.98
CA ALA C 242 -25.94 -25.68 26.73
C ALA C 242 -24.77 -26.63 26.96
N ASP C 243 -24.95 -27.88 26.56
CA ASP C 243 -23.96 -28.92 26.79
C ASP C 243 -22.82 -28.78 25.80
N LEU C 244 -21.64 -29.24 26.21
CA LEU C 244 -20.45 -29.09 25.39
C LEU C 244 -20.44 -30.19 24.33
N ALA C 245 -20.40 -29.78 23.07
CA ALA C 245 -20.38 -30.67 21.92
C ALA C 245 -19.85 -29.88 20.74
N GLY C 246 -20.08 -30.39 19.53
CA GLY C 246 -19.82 -29.59 18.34
C GLY C 246 -18.35 -29.49 17.99
N ALA C 247 -17.98 -28.35 17.39
CA ALA C 247 -16.62 -28.16 16.94
C ALA C 247 -15.64 -27.92 18.07
N ASP C 248 -16.13 -27.57 19.26
CA ASP C 248 -15.24 -27.28 20.37
C ASP C 248 -14.78 -28.54 21.08
N LEU C 249 -15.59 -29.60 21.06
CA LEU C 249 -15.25 -30.82 21.80
C LEU C 249 -14.08 -31.54 21.17
N ALA C 250 -13.88 -31.38 19.87
CA ALA C 250 -12.65 -31.84 19.24
C ALA C 250 -11.56 -30.78 19.28
N ALA C 251 -11.88 -29.58 19.75
CA ALA C 251 -10.90 -28.50 19.85
C ALA C 251 -10.41 -28.27 21.27
N ALA C 252 -11.25 -28.51 22.27
CA ALA C 252 -10.81 -28.35 23.65
C ALA C 252 -9.87 -29.47 24.06
N GLN C 253 -10.08 -30.68 23.54
CA GLN C 253 -9.25 -31.82 23.93
C GLN C 253 -7.85 -31.75 23.34
N ALA C 254 -7.64 -30.95 22.29
CA ALA C 254 -6.29 -30.70 21.83
C ALA C 254 -5.53 -29.77 22.77
N ALA C 255 -6.25 -28.99 23.56
CA ALA C 255 -5.65 -28.13 24.57
C ALA C 255 -5.47 -28.82 25.91
N ASN C 256 -5.73 -30.14 25.96
CA ASN C 256 -5.64 -30.97 27.17
C ASN C 256 -6.52 -30.43 28.30
N TRP C 257 -7.67 -29.89 27.94
CA TRP C 257 -8.57 -29.30 28.94
C TRP C 257 -9.57 -30.32 29.47
N VAL C 258 -10.40 -30.85 28.60
CA VAL C 258 -11.56 -31.63 28.97
C VAL C 258 -11.33 -33.06 28.53
N ASP C 259 -11.84 -34.01 29.32
CA ASP C 259 -11.67 -35.42 29.00
C ASP C 259 -12.65 -35.82 27.90
N ALA C 260 -12.73 -37.12 27.60
CA ALA C 260 -13.48 -37.60 26.45
C ALA C 260 -15.00 -37.59 26.63
N GLU C 261 -15.54 -36.94 27.66
CA GLU C 261 -16.97 -36.88 27.88
C GLU C 261 -17.52 -35.46 27.94
N GLY C 262 -16.78 -34.54 28.54
CA GLY C 262 -17.33 -33.22 28.81
C GLY C 262 -17.14 -32.78 30.24
N LYS C 263 -16.21 -33.42 30.94
CA LYS C 263 -15.96 -33.15 32.34
C LYS C 263 -14.53 -32.64 32.52
N THR C 264 -14.33 -31.85 33.56
CA THR C 264 -13.02 -31.28 33.84
C THR C 264 -12.60 -31.56 35.27
N TYR C 265 -11.29 -31.60 35.48
CA TYR C 265 -10.66 -31.82 36.77
C TYR C 265 -10.10 -30.50 37.31
N TYR C 266 -9.91 -30.47 38.62
CA TYR C 266 -9.23 -29.36 39.28
C TYR C 266 -8.47 -29.96 40.44
N PRO C 267 -7.18 -30.24 40.27
CA PRO C 267 -6.39 -30.76 41.38
C PRO C 267 -5.67 -29.67 42.15
N VAL C 268 -5.43 -29.97 43.42
CA VAL C 268 -4.58 -29.15 44.28
C VAL C 268 -3.93 -30.09 45.28
N LEU C 269 -2.62 -30.02 45.39
CA LEU C 269 -1.87 -31.02 46.13
C LEU C 269 -1.21 -30.39 47.33
N VAL C 270 -1.45 -30.96 48.50
CA VAL C 270 -1.29 -30.26 49.76
C VAL C 270 0.19 -30.13 50.12
N ASN C 271 0.56 -28.94 50.59
CA ASN C 271 1.85 -28.65 51.23
C ASN C 271 3.01 -28.91 50.27
N PHE C 272 3.06 -28.10 49.21
CA PHE C 272 4.00 -28.35 48.12
C PHE C 272 5.12 -27.35 47.95
N ASN C 273 4.95 -26.10 48.40
CA ASN C 273 5.88 -24.99 48.15
C ASN C 273 6.08 -24.77 46.65
N SER C 274 4.99 -24.33 46.03
CA SER C 274 5.00 -23.92 44.63
C SER C 274 4.74 -22.43 44.52
N ASN C 275 4.86 -21.93 43.29
CA ASN C 275 4.49 -20.55 43.02
C ASN C 275 2.98 -20.36 43.09
N ASN C 276 2.22 -21.43 42.83
CA ASN C 276 0.79 -21.32 42.63
C ASN C 276 0.03 -21.07 43.92
N TYR C 277 0.57 -21.49 45.06
CA TYR C 277 -0.15 -21.45 46.32
C TYR C 277 0.39 -20.37 47.24
N THR C 278 -0.48 -19.86 48.10
CA THR C 278 -0.08 -19.02 49.21
C THR C 278 -0.42 -19.72 50.51
N TYR C 279 -0.01 -19.13 51.62
CA TYR C 279 -0.35 -19.64 52.94
C TYR C 279 -0.65 -18.47 53.85
N ASP C 280 -0.73 -18.73 55.15
CA ASP C 280 -1.09 -17.70 56.10
C ASP C 280 -0.50 -18.03 57.47
N SER C 281 -0.54 -17.02 58.35
CA SER C 281 0.05 -17.01 59.69
C SER C 281 1.55 -17.32 59.68
N ASN C 282 2.22 -17.01 58.57
CA ASN C 282 3.66 -17.23 58.34
C ASN C 282 4.04 -18.69 58.63
N TYR C 283 3.47 -19.58 57.84
CA TYR C 283 3.73 -21.00 57.96
C TYR C 283 4.53 -21.43 56.75
N THR C 284 5.77 -21.84 56.96
CA THR C 284 6.56 -22.35 55.87
C THR C 284 6.04 -23.71 55.43
N PRO C 285 5.94 -23.96 54.14
CA PRO C 285 5.46 -25.26 53.69
C PRO C 285 6.56 -26.29 53.61
N LYS C 286 6.46 -27.33 54.41
CA LYS C 286 7.30 -28.49 54.22
C LYS C 286 6.72 -29.35 53.11
N ASN C 287 7.53 -30.26 52.58
CA ASN C 287 7.11 -31.04 51.42
C ASN C 287 6.59 -32.41 51.81
N LYS C 288 5.90 -32.51 52.94
CA LYS C 288 5.41 -33.79 53.42
C LYS C 288 4.04 -33.57 54.07
N ILE C 289 3.44 -34.66 54.53
CA ILE C 289 2.18 -34.61 55.25
C ILE C 289 2.34 -35.42 56.53
N GLU C 290 2.15 -34.77 57.67
CA GLU C 290 2.44 -35.36 58.96
C GLU C 290 1.16 -35.58 59.76
N ARG C 291 1.31 -36.24 60.90
CA ARG C 291 0.18 -36.52 61.76
C ARG C 291 -0.29 -35.26 62.47
N ASN C 292 -1.54 -35.32 62.95
CA ASN C 292 -2.15 -34.31 63.83
C ASN C 292 -2.21 -32.94 63.18
N HIS C 293 -2.43 -32.89 61.88
CA HIS C 293 -2.54 -31.63 61.15
C HIS C 293 -3.85 -31.61 60.38
N LYS C 294 -4.49 -30.45 60.35
CA LYS C 294 -5.71 -30.22 59.60
C LYS C 294 -5.40 -29.33 58.41
N TYR C 295 -5.79 -29.77 57.21
CA TYR C 295 -5.51 -29.05 55.97
C TYR C 295 -6.82 -28.63 55.33
N ASP C 296 -7.25 -27.41 55.62
CA ASP C 296 -8.44 -26.85 55.00
C ASP C 296 -8.01 -25.96 53.86
N ILE C 297 -8.51 -26.23 52.65
CA ILE C 297 -8.03 -25.55 51.46
C ILE C 297 -9.15 -24.77 50.81
N LYS C 298 -8.77 -23.70 50.11
CA LYS C 298 -9.70 -22.74 49.50
C LYS C 298 -9.18 -22.42 48.10
N LEU C 299 -9.71 -23.08 47.08
CA LEU C 299 -9.31 -22.75 45.73
C LEU C 299 -10.35 -21.87 45.06
N THR C 300 -9.89 -21.12 44.06
CA THR C 300 -10.75 -20.40 43.14
C THR C 300 -10.57 -20.99 41.75
N ILE C 301 -11.62 -20.91 40.94
CA ILE C 301 -11.62 -21.48 39.61
C ILE C 301 -11.42 -20.36 38.61
N THR C 302 -10.23 -20.29 38.02
CA THR C 302 -9.91 -19.29 37.01
C THR C 302 -9.62 -20.04 35.72
N GLY C 303 -10.57 -20.02 34.80
CA GLY C 303 -10.41 -20.73 33.56
C GLY C 303 -10.85 -22.17 33.68
N PRO C 304 -10.54 -22.97 32.68
CA PRO C 304 -10.83 -24.40 32.74
C PRO C 304 -9.70 -25.15 33.43
N GLY C 305 -9.97 -26.41 33.74
CA GLY C 305 -8.96 -27.31 34.28
C GLY C 305 -8.36 -28.20 33.20
N THR C 306 -7.48 -29.08 33.64
CA THR C 306 -6.82 -30.02 32.76
C THR C 306 -7.21 -31.44 33.13
N ASN C 307 -7.08 -32.35 32.17
CA ASN C 307 -7.13 -33.76 32.48
C ASN C 307 -5.74 -34.23 32.88
N ASN C 308 -5.66 -35.52 33.27
CA ASN C 308 -4.47 -36.18 33.82
C ASN C 308 -3.91 -35.38 34.99
N PRO C 309 -4.57 -35.40 36.16
CA PRO C 309 -4.15 -34.51 37.25
C PRO C 309 -2.84 -34.89 37.92
N GLU C 310 -2.24 -36.02 37.57
CA GLU C 310 -0.96 -36.40 38.16
C GLU C 310 0.23 -35.87 37.38
N ASN C 311 0.01 -34.99 36.41
CA ASN C 311 1.10 -34.32 35.76
C ASN C 311 1.72 -33.28 36.69
N PRO C 312 2.95 -32.85 36.43
CA PRO C 312 3.50 -31.71 37.18
C PRO C 312 2.74 -30.44 36.84
N ILE C 313 2.57 -29.61 37.85
CA ILE C 313 1.78 -28.40 37.67
C ILE C 313 2.60 -27.35 36.93
N THR C 314 1.90 -26.39 36.33
CA THR C 314 2.54 -25.31 35.59
C THR C 314 2.54 -24.06 36.44
N GLU C 315 3.72 -23.51 36.71
CA GLU C 315 3.84 -22.34 37.56
C GLU C 315 3.34 -21.10 36.82
N SER C 316 2.69 -20.21 37.56
CA SER C 316 2.14 -19.01 36.96
C SER C 316 3.25 -18.01 36.64
N ALA C 317 2.95 -17.09 35.73
CA ALA C 317 3.93 -16.11 35.29
C ALA C 317 3.26 -14.81 34.88
N HIS C 318 3.87 -13.70 35.26
CA HIS C 318 3.40 -12.37 34.88
C HIS C 318 4.20 -11.84 33.68
N LEU C 319 3.73 -10.72 33.13
CA LEU C 319 4.30 -10.22 31.89
C LEU C 319 4.20 -8.71 31.81
N ASN C 320 5.18 -8.09 31.15
CA ASN C 320 5.18 -6.66 30.85
C ASN C 320 5.71 -6.47 29.44
N VAL C 321 4.95 -5.81 28.59
CA VAL C 321 5.33 -5.58 27.20
C VAL C 321 5.33 -4.08 26.94
N GLN C 322 6.39 -3.60 26.31
CA GLN C 322 6.51 -2.21 25.89
C GLN C 322 6.75 -2.19 24.38
N CYS C 323 5.95 -1.41 23.65
CA CYS C 323 6.02 -1.38 22.20
C CYS C 323 6.27 0.03 21.71
N THR C 324 6.99 0.13 20.60
CA THR C 324 7.27 1.40 19.94
C THR C 324 6.79 1.33 18.50
N VAL C 325 6.65 2.51 17.90
CA VAL C 325 6.06 2.65 16.57
C VAL C 325 7.18 2.89 15.57
N ALA C 326 7.18 2.13 14.48
CA ALA C 326 8.14 2.35 13.40
C ALA C 326 7.75 3.58 12.60
N GLU C 327 8.68 4.08 11.81
CA GLU C 327 8.47 5.33 11.10
C GLU C 327 8.08 5.08 9.65
N TRP C 328 7.71 6.17 8.98
CA TRP C 328 7.36 6.11 7.57
C TRP C 328 8.59 5.81 6.71
N VAL C 329 8.34 5.24 5.54
CA VAL C 329 9.37 5.08 4.52
C VAL C 329 9.03 6.08 3.43
N LEU C 330 9.74 7.21 3.41
CA LEU C 330 9.40 8.32 2.53
C LEU C 330 9.94 8.06 1.14
N VAL C 331 9.05 7.91 0.18
CA VAL C 331 9.42 7.81 -1.22
C VAL C 331 9.08 9.14 -1.86
N GLY C 332 9.75 9.46 -2.96
CA GLY C 332 9.54 10.72 -3.66
C GLY C 332 9.28 10.46 -5.14
N GLN C 333 8.33 11.22 -5.69
CA GLN C 333 7.90 10.97 -7.06
C GLN C 333 7.49 12.30 -7.69
N ASN C 334 8.20 12.70 -8.73
CA ASN C 334 7.83 13.88 -9.52
C ASN C 334 7.26 13.43 -10.86
N ALA C 335 6.22 14.12 -11.32
CA ALA C 335 5.42 13.66 -12.45
C ALA C 335 5.22 14.78 -13.45
N THR C 336 5.00 14.38 -14.70
CA THR C 336 4.74 15.31 -15.79
C THR C 336 3.47 14.91 -16.52
N TRP C 337 2.70 15.90 -16.92
CA TRP C 337 1.52 15.69 -17.74
C TRP C 337 1.29 16.96 -18.54
N ALA D 317 2.51 -53.09 93.47
CA ALA D 317 2.19 -51.68 93.33
C ALA D 317 1.08 -51.44 92.30
N HIS D 318 0.20 -50.48 92.57
CA HIS D 318 -0.94 -50.20 91.73
C HIS D 318 -0.66 -49.01 90.82
N LEU D 319 -1.66 -48.64 90.01
CA LEU D 319 -1.48 -47.59 89.02
C LEU D 319 -2.83 -47.03 88.59
N ASN D 320 -2.87 -45.70 88.42
CA ASN D 320 -3.96 -45.01 87.74
C ASN D 320 -3.37 -44.12 86.65
N VAL D 321 -3.92 -44.20 85.45
CA VAL D 321 -3.51 -43.34 84.35
C VAL D 321 -4.74 -42.59 83.87
N GLN D 322 -4.62 -41.27 83.76
CA GLN D 322 -5.72 -40.43 83.30
C GLN D 322 -5.19 -39.51 82.21
N CYS D 323 -5.50 -39.83 80.96
CA CYS D 323 -4.91 -39.16 79.82
C CYS D 323 -5.79 -38.02 79.33
N THR D 324 -5.17 -37.12 78.57
CA THR D 324 -5.85 -36.07 77.84
C THR D 324 -5.65 -36.29 76.35
N VAL D 325 -6.42 -35.56 75.56
CA VAL D 325 -6.33 -35.63 74.11
C VAL D 325 -5.87 -34.27 73.59
N ALA D 326 -5.09 -34.29 72.51
CA ALA D 326 -4.50 -33.07 71.98
C ALA D 326 -5.22 -32.64 70.71
N GLU D 327 -5.44 -31.34 70.59
CA GLU D 327 -6.15 -30.79 69.44
C GLU D 327 -5.21 -30.72 68.23
N TRP D 328 -5.80 -30.46 67.07
CA TRP D 328 -5.01 -30.33 65.87
C TRP D 328 -4.29 -28.98 65.83
N VAL D 329 -3.49 -28.80 64.79
CA VAL D 329 -2.99 -27.49 64.41
C VAL D 329 -3.64 -27.13 63.08
N LEU D 330 -3.99 -25.86 62.94
CA LEU D 330 -4.71 -25.39 61.77
C LEU D 330 -3.74 -24.87 60.73
N VAL D 331 -3.79 -25.45 59.53
CA VAL D 331 -2.98 -25.01 58.40
C VAL D 331 -3.94 -24.67 57.27
N GLY D 332 -4.13 -23.37 57.02
CA GLY D 332 -4.98 -22.91 55.94
C GLY D 332 -4.17 -22.75 54.66
N GLN D 333 -4.78 -23.09 53.54
CA GLN D 333 -4.11 -23.07 52.25
C GLN D 333 -5.00 -22.40 51.23
N ASN D 334 -4.68 -21.16 50.87
CA ASN D 334 -5.42 -20.43 49.85
C ASN D 334 -4.77 -20.74 48.50
N ALA D 335 -5.47 -21.50 47.66
CA ALA D 335 -4.94 -21.93 46.38
C ALA D 335 -5.66 -21.23 45.24
N THR D 336 -5.04 -21.27 44.06
CA THR D 336 -5.64 -20.76 42.85
C THR D 336 -5.26 -21.66 41.70
N TRP D 337 -5.97 -21.51 40.58
CA TRP D 337 -5.68 -22.30 39.40
C TRP D 337 -5.43 -21.39 38.21
#